data_7MY7
#
_entry.id   7MY7
#
_cell.length_a   155.512
_cell.length_b   56.443
_cell.length_c   144.812
_cell.angle_alpha   90.000
_cell.angle_beta   100.377
_cell.angle_gamma   90.000
#
_symmetry.space_group_name_H-M   'C 1 2 1'
#
loop_
_entity.id
_entity.type
_entity.pdbx_description
1 polymer 'Farnesyl-diphosphate synthase'
2 water water
#
_entity_poly.entity_id   1
_entity_poly.type   'polypeptide(L)'
_entity_poly.pdbx_seq_one_letter_code
;MGSSHHHHHHSSGLVPRGSHMMVASSSLRFDLKSYLKERQRQVEAALNAILPPQDPPLIYESMRYSLLAEGKRLRPILCL
ASCELAGGTAAIALPTACALEMVHTMSLIHDDLPSMDNDDFRRGRPTNHKVYGEDIAILAGDALLTYAFEAIARHTPEVP
ADRVLKVIAALARAVGAEGLVGGQVVDLQSEGRDDVNLETLHYIHTHKTGALLEVSVVSGAILAGASEELQEQLRTYAQK
IGLAFQVIDDILDITATAEELGKTAGKDLAAKKATYPSLLGLDASREYADQLITEAKAAIAAFGAEADPLRAIADYITAR
KH
;
_entity_poly.pdbx_strand_id   AAA,BBB,CCC,DDD
#
# COMPACT_ATOMS: atom_id res chain seq x y z
N PHE A 30 -51.38 -9.76 24.41
CA PHE A 30 -50.65 -8.65 23.70
C PHE A 30 -50.87 -8.74 22.18
N ASP A 31 -51.43 -7.67 21.58
CA ASP A 31 -51.67 -7.60 20.11
C ASP A 31 -50.35 -7.23 19.42
N LEU A 32 -49.52 -8.23 19.12
CA LEU A 32 -48.26 -8.06 18.37
C LEU A 32 -48.56 -7.51 16.96
N LYS A 33 -49.54 -8.08 16.25
CA LYS A 33 -49.83 -7.70 14.85
C LYS A 33 -50.02 -6.18 14.81
N SER A 34 -50.74 -5.66 15.79
CA SER A 34 -51.21 -4.25 15.83
C SER A 34 -50.04 -3.35 16.22
N TYR A 35 -49.24 -3.79 17.20
CA TYR A 35 -48.02 -3.08 17.67
C TYR A 35 -47.04 -2.95 16.49
N LEU A 36 -46.77 -4.05 15.79
CA LEU A 36 -45.80 -4.08 14.67
C LEU A 36 -46.30 -3.18 13.53
N LYS A 37 -47.59 -3.23 13.21
CA LYS A 37 -48.13 -2.45 12.06
C LYS A 37 -47.99 -0.96 12.35
N GLU A 38 -48.19 -0.55 13.60
CA GLU A 38 -48.19 0.87 14.05
C GLU A 38 -46.75 1.37 13.98
N ARG A 39 -45.84 0.62 14.61
CA ARG A 39 -44.40 0.94 14.66
C ARG A 39 -43.80 0.92 13.26
N GLN A 40 -44.19 -0.01 12.38
CA GLN A 40 -43.72 -0.04 10.96
C GLN A 40 -44.10 1.27 10.27
N ARG A 41 -45.35 1.68 10.39
CA ARG A 41 -45.87 2.93 9.79
C ARG A 41 -45.01 4.09 10.29
N GLN A 42 -44.71 4.15 11.60
CA GLN A 42 -44.01 5.28 12.24
C GLN A 42 -42.58 5.33 11.72
N VAL A 43 -41.91 4.18 11.65
CA VAL A 43 -40.49 4.09 11.19
C VAL A 43 -40.45 4.50 9.71
N GLU A 44 -41.39 4.04 8.88
CA GLU A 44 -41.39 4.35 7.44
C GLU A 44 -41.55 5.87 7.24
N ALA A 45 -42.36 6.51 8.07
CA ALA A 45 -42.65 7.96 7.98
C ALA A 45 -41.38 8.72 8.42
N ALA A 46 -40.72 8.26 9.47
CA ALA A 46 -39.44 8.80 9.98
C ALA A 46 -38.34 8.69 8.91
N LEU A 47 -38.19 7.51 8.30
CA LEU A 47 -37.17 7.24 7.23
C LEU A 47 -37.38 8.21 6.06
N ASN A 48 -38.62 8.35 5.62
CA ASN A 48 -39.00 9.21 4.49
C ASN A 48 -38.65 10.67 4.81
N ALA A 49 -38.86 11.11 6.04
CA ALA A 49 -38.63 12.52 6.45
C ALA A 49 -37.13 12.79 6.66
N ILE A 50 -36.40 11.82 7.22
CA ILE A 50 -34.97 12.03 7.62
C ILE A 50 -34.08 11.98 6.38
N LEU A 51 -34.54 11.38 5.28
CA LEU A 51 -33.75 11.27 4.01
C LEU A 51 -34.64 11.70 2.86
N PRO A 52 -34.95 13.01 2.76
CA PRO A 52 -35.82 13.52 1.69
C PRO A 52 -35.11 13.51 0.33
N PRO A 53 -35.86 13.51 -0.79
CA PRO A 53 -35.27 13.71 -2.12
C PRO A 53 -34.46 15.01 -2.17
N GLN A 54 -33.23 14.94 -2.67
CA GLN A 54 -32.24 16.06 -2.73
C GLN A 54 -31.43 15.94 -4.04
N ASP A 55 -30.47 16.84 -4.24
CA ASP A 55 -29.56 16.83 -5.40
C ASP A 55 -28.23 16.22 -4.98
N PRO A 56 -27.55 15.42 -5.84
CA PRO A 56 -28.10 14.98 -7.13
C PRO A 56 -29.27 14.02 -7.02
N PRO A 57 -30.37 14.24 -7.79
CA PRO A 57 -31.62 13.48 -7.58
C PRO A 57 -31.47 11.95 -7.69
N LEU A 58 -30.64 11.46 -8.63
CA LEU A 58 -30.49 10.01 -8.90
C LEU A 58 -30.02 9.26 -7.64
N ILE A 59 -29.01 9.77 -6.92
CA ILE A 59 -28.40 9.00 -5.80
C ILE A 59 -29.44 8.92 -4.66
N TYR A 60 -30.15 10.02 -4.39
CA TYR A 60 -31.23 10.02 -3.36
C TYR A 60 -32.35 9.06 -3.76
N GLU A 61 -32.68 9.01 -5.04
CA GLU A 61 -33.77 8.15 -5.53
C GLU A 61 -33.39 6.68 -5.33
N SER A 62 -32.17 6.29 -5.69
CA SER A 62 -31.64 4.92 -5.54
C SER A 62 -31.67 4.54 -4.06
N MET A 63 -31.18 5.41 -3.19
CA MET A 63 -31.11 5.15 -1.73
C MET A 63 -32.54 4.90 -1.22
N ARG A 64 -33.48 5.78 -1.57
CA ARG A 64 -34.87 5.73 -1.04
C ARG A 64 -35.59 4.53 -1.67
N TYR A 65 -35.28 4.19 -2.92
CA TYR A 65 -35.86 3.02 -3.62
C TYR A 65 -35.67 1.76 -2.77
N SER A 66 -34.48 1.56 -2.20
CA SER A 66 -34.18 0.36 -1.38
C SER A 66 -34.63 0.60 0.06
N LEU A 67 -34.42 1.79 0.59
CA LEU A 67 -34.71 2.09 2.03
C LEU A 67 -36.23 2.03 2.30
N LEU A 68 -37.06 2.57 1.41
CA LEU A 68 -38.53 2.74 1.66
C LEU A 68 -39.33 1.59 1.05
N ALA A 69 -38.67 0.57 0.50
CA ALA A 69 -39.28 -0.71 0.07
C ALA A 69 -39.93 -1.40 1.26
N GLU A 70 -40.94 -2.23 0.99
CA GLU A 70 -41.69 -2.98 2.03
C GLU A 70 -40.71 -3.80 2.87
N GLY A 71 -40.83 -3.71 4.20
CA GLY A 71 -40.00 -4.49 5.14
C GLY A 71 -40.59 -4.49 6.54
N LYS A 72 -40.17 -5.46 7.36
CA LYS A 72 -40.73 -5.67 8.73
C LYS A 72 -40.19 -4.58 9.68
N ARG A 73 -39.05 -3.98 9.38
CA ARG A 73 -38.40 -2.92 10.19
C ARG A 73 -38.12 -3.45 11.60
N LEU A 74 -37.75 -4.72 11.74
CA LEU A 74 -37.49 -5.37 13.04
C LEU A 74 -36.41 -4.62 13.81
N ARG A 75 -35.34 -4.17 13.14
CA ARG A 75 -34.16 -3.61 13.83
C ARG A 75 -34.52 -2.26 14.47
N PRO A 76 -35.12 -1.31 13.71
CA PRO A 76 -35.58 -0.06 14.31
C PRO A 76 -36.59 -0.31 15.43
N ILE A 77 -37.53 -1.22 15.22
CA ILE A 77 -38.58 -1.58 16.22
C ILE A 77 -37.91 -2.10 17.49
N LEU A 78 -36.88 -2.94 17.39
CA LEU A 78 -36.18 -3.48 18.57
C LEU A 78 -35.45 -2.33 19.31
N CYS A 79 -34.89 -1.38 18.56
CA CYS A 79 -34.20 -0.18 19.11
C CYS A 79 -35.22 0.64 19.92
N LEU A 80 -36.37 0.99 19.34
CA LEU A 80 -37.39 1.82 20.01
C LEU A 80 -37.91 1.08 21.26
N ALA A 81 -38.14 -0.23 21.16
CA ALA A 81 -38.69 -1.06 22.25
C ALA A 81 -37.69 -1.17 23.40
N SER A 82 -36.40 -1.31 23.10
CA SER A 82 -35.32 -1.42 24.12
C SER A 82 -35.18 -0.07 24.85
N CYS A 83 -35.23 1.04 24.12
CA CYS A 83 -35.17 2.40 24.68
C CYS A 83 -36.31 2.56 25.70
N GLU A 84 -37.55 2.26 25.28
CA GLU A 84 -38.79 2.39 26.10
C GLU A 84 -38.66 1.51 27.35
N LEU A 85 -38.24 0.25 27.18
CA LEU A 85 -38.09 -0.73 28.28
C LEU A 85 -37.11 -0.17 29.32
N ALA A 86 -36.07 0.54 28.87
CA ALA A 86 -35.01 1.11 29.74
C ALA A 86 -35.41 2.52 30.23
N GLY A 87 -36.64 2.96 29.96
CA GLY A 87 -37.18 4.21 30.53
C GLY A 87 -37.02 5.42 29.60
N GLY A 88 -36.48 5.24 28.39
CA GLY A 88 -36.31 6.33 27.43
C GLY A 88 -37.57 6.60 26.67
N THR A 89 -37.58 7.68 25.88
CA THR A 89 -38.69 7.97 24.91
C THR A 89 -38.26 7.48 23.51
N ALA A 90 -39.25 7.15 22.69
CA ALA A 90 -39.07 6.80 21.26
C ALA A 90 -38.26 7.89 20.58
N ALA A 91 -38.58 9.16 20.88
CA ALA A 91 -38.03 10.37 20.24
C ALA A 91 -36.50 10.40 20.26
N ILE A 92 -35.88 10.01 21.39
CA ILE A 92 -34.41 10.13 21.56
C ILE A 92 -33.71 9.06 20.71
N ALA A 93 -34.42 7.97 20.39
CA ALA A 93 -33.85 6.76 19.76
C ALA A 93 -34.19 6.66 18.27
N LEU A 94 -35.04 7.55 17.75
CA LEU A 94 -35.59 7.42 16.39
C LEU A 94 -34.50 7.61 15.34
N PRO A 95 -33.59 8.58 15.47
CA PRO A 95 -32.47 8.69 14.54
C PRO A 95 -31.63 7.40 14.48
N THR A 96 -31.26 6.83 15.62
CA THR A 96 -30.55 5.52 15.69
C THR A 96 -31.41 4.41 15.06
N ALA A 97 -32.70 4.36 15.38
CA ALA A 97 -33.63 3.38 14.79
C ALA A 97 -33.52 3.46 13.25
N CYS A 98 -33.62 4.67 12.68
CA CYS A 98 -33.54 4.92 11.22
C CYS A 98 -32.17 4.48 10.70
N ALA A 99 -31.13 4.76 11.47
CA ALA A 99 -29.73 4.42 11.11
C ALA A 99 -29.61 2.90 10.96
N LEU A 100 -30.22 2.15 11.87
CA LEU A 100 -30.10 0.67 11.86
C LEU A 100 -30.70 0.14 10.55
N GLU A 101 -31.81 0.73 10.12
CA GLU A 101 -32.49 0.32 8.85
C GLU A 101 -31.62 0.70 7.65
N MET A 102 -30.92 1.84 7.71
CA MET A 102 -30.05 2.33 6.60
C MET A 102 -28.89 1.34 6.41
N VAL A 103 -28.30 0.88 7.50
CA VAL A 103 -27.16 -0.08 7.50
C VAL A 103 -27.68 -1.42 6.97
N HIS A 104 -28.83 -1.87 7.48
CA HIS A 104 -29.49 -3.12 7.00
C HIS A 104 -29.69 -3.01 5.49
N THR A 105 -30.26 -1.88 5.04
CA THR A 105 -30.54 -1.62 3.61
C THR A 105 -29.25 -1.64 2.78
N MET A 106 -28.17 -1.01 3.25
CA MET A 106 -26.89 -1.02 2.49
C MET A 106 -26.38 -2.46 2.38
N SER A 107 -26.50 -3.31 3.42
CA SER A 107 -26.03 -4.72 3.34
C SER A 107 -26.84 -5.46 2.26
N LEU A 108 -28.15 -5.24 2.15
CA LEU A 108 -28.98 -5.90 1.12
C LEU A 108 -28.56 -5.38 -0.27
N ILE A 109 -28.35 -4.09 -0.46
CA ILE A 109 -27.97 -3.53 -1.78
C ILE A 109 -26.66 -4.20 -2.23
N HIS A 110 -25.65 -4.24 -1.37
CA HIS A 110 -24.33 -4.81 -1.70
C HIS A 110 -24.47 -6.33 -1.94
N ASP A 111 -25.29 -7.02 -1.15
N ASP A 111 -25.28 -7.01 -1.14
CA ASP A 111 -25.42 -8.49 -1.24
CA ASP A 111 -25.44 -8.49 -1.23
C ASP A 111 -26.16 -8.90 -2.52
C ASP A 111 -26.14 -8.89 -2.53
N ASP A 112 -27.03 -8.05 -3.04
CA ASP A 112 -27.78 -8.39 -4.28
C ASP A 112 -26.84 -8.29 -5.49
N LEU A 113 -25.68 -7.64 -5.37
CA LEU A 113 -24.79 -7.38 -6.54
C LEU A 113 -24.36 -8.70 -7.19
N PRO A 114 -24.18 -8.74 -8.53
CA PRO A 114 -23.67 -9.92 -9.24
C PRO A 114 -22.41 -10.55 -8.66
N SER A 115 -21.53 -9.74 -8.08
CA SER A 115 -20.27 -10.17 -7.40
C SER A 115 -20.59 -10.98 -6.15
N MET A 116 -21.79 -10.83 -5.58
CA MET A 116 -22.16 -11.40 -4.26
C MET A 116 -23.25 -12.47 -4.47
N ASP A 117 -24.51 -12.21 -4.13
CA ASP A 117 -25.58 -13.24 -4.25
C ASP A 117 -26.26 -13.16 -5.62
N ASN A 118 -26.06 -12.09 -6.39
CA ASN A 118 -26.49 -11.97 -7.81
C ASN A 118 -28.00 -12.15 -7.91
N ASP A 119 -28.78 -11.30 -7.25
CA ASP A 119 -30.28 -11.35 -7.24
C ASP A 119 -30.82 -10.24 -8.13
N ASP A 120 -31.67 -10.58 -9.09
CA ASP A 120 -32.33 -9.60 -9.99
C ASP A 120 -33.61 -9.06 -9.33
N PHE A 121 -34.15 -9.77 -8.35
CA PHE A 121 -35.43 -9.47 -7.69
C PHE A 121 -35.30 -9.74 -6.19
N ARG A 122 -36.00 -8.93 -5.40
CA ARG A 122 -36.13 -9.04 -3.92
C ARG A 122 -37.59 -8.68 -3.60
N ARG A 123 -38.33 -9.58 -2.99
CA ARG A 123 -39.75 -9.35 -2.57
C ARG A 123 -40.54 -8.78 -3.75
N GLY A 124 -40.33 -9.31 -4.96
CA GLY A 124 -41.13 -9.02 -6.17
C GLY A 124 -40.80 -7.74 -6.95
N ARG A 125 -39.66 -7.09 -6.73
CA ARG A 125 -39.30 -5.68 -7.00
C ARG A 125 -37.91 -5.84 -7.60
N PRO A 126 -37.52 -5.20 -8.67
CA PRO A 126 -36.13 -5.33 -9.07
C PRO A 126 -35.16 -4.83 -8.00
N THR A 127 -33.96 -5.41 -7.93
CA THR A 127 -32.90 -5.03 -6.98
C THR A 127 -32.29 -3.72 -7.47
N ASN A 128 -31.61 -3.01 -6.58
CA ASN A 128 -31.13 -1.63 -6.85
C ASN A 128 -30.31 -1.64 -8.15
N HIS A 129 -29.42 -2.61 -8.31
CA HIS A 129 -28.44 -2.62 -9.43
C HIS A 129 -29.14 -2.90 -10.76
N LYS A 130 -30.24 -3.65 -10.75
CA LYS A 130 -31.02 -3.96 -11.98
C LYS A 130 -31.71 -2.69 -12.49
N VAL A 131 -32.03 -1.77 -11.61
CA VAL A 131 -32.74 -0.51 -11.98
C VAL A 131 -31.75 0.63 -12.23
N TYR A 132 -30.70 0.78 -11.43
CA TYR A 132 -29.83 1.99 -11.45
C TYR A 132 -28.43 1.67 -11.99
N GLY A 133 -28.09 0.39 -12.19
CA GLY A 133 -26.70 -0.02 -12.49
C GLY A 133 -25.94 -0.39 -11.24
N GLU A 134 -24.89 -1.19 -11.38
CA GLU A 134 -24.10 -1.73 -10.26
C GLU A 134 -23.32 -0.57 -9.63
N ASP A 135 -22.87 0.37 -10.44
CA ASP A 135 -22.06 1.53 -9.95
C ASP A 135 -22.92 2.38 -9.01
N ILE A 136 -24.12 2.79 -9.43
CA ILE A 136 -25.04 3.59 -8.58
C ILE A 136 -25.41 2.76 -7.33
N ALA A 137 -25.66 1.46 -7.48
CA ALA A 137 -26.09 0.58 -6.37
C ALA A 137 -24.99 0.56 -5.30
N ILE A 138 -23.74 0.31 -5.69
CA ILE A 138 -22.55 0.32 -4.77
C ILE A 138 -22.52 1.67 -4.03
N LEU A 139 -22.64 2.77 -4.77
CA LEU A 139 -22.57 4.14 -4.21
C LEU A 139 -23.77 4.42 -3.28
N ALA A 140 -24.97 3.92 -3.61
CA ALA A 140 -26.18 4.11 -2.80
C ALA A 140 -25.97 3.40 -1.47
N GLY A 141 -25.41 2.20 -1.50
CA GLY A 141 -25.02 1.45 -0.29
C GLY A 141 -24.02 2.24 0.55
N ASP A 142 -22.97 2.75 -0.07
CA ASP A 142 -21.92 3.54 0.63
C ASP A 142 -22.56 4.79 1.26
N ALA A 143 -23.46 5.47 0.55
CA ALA A 143 -24.07 6.73 1.03
C ALA A 143 -25.04 6.44 2.18
N LEU A 144 -25.70 5.27 2.18
CA LEU A 144 -26.65 4.89 3.27
C LEU A 144 -25.86 4.54 4.53
N LEU A 145 -24.76 3.83 4.38
CA LEU A 145 -23.87 3.49 5.52
C LEU A 145 -23.38 4.78 6.17
N THR A 146 -22.95 5.76 5.40
CA THR A 146 -22.44 7.05 5.94
C THR A 146 -23.60 7.82 6.57
N TYR A 147 -24.76 7.86 5.94
CA TYR A 147 -25.91 8.63 6.44
C TYR A 147 -26.36 8.07 7.80
N ALA A 148 -26.24 6.77 8.02
CA ALA A 148 -26.55 6.11 9.30
C ALA A 148 -25.81 6.85 10.42
N PHE A 149 -24.49 6.99 10.28
CA PHE A 149 -23.60 7.68 11.26
C PHE A 149 -23.95 9.16 11.35
N GLU A 150 -24.29 9.80 10.22
CA GLU A 150 -24.64 11.25 10.21
C GLU A 150 -25.89 11.43 11.05
N ALA A 151 -26.91 10.61 10.83
CA ALA A 151 -28.23 10.75 11.48
C ALA A 151 -28.05 10.59 12.99
N ILE A 152 -27.27 9.60 13.45
CA ILE A 152 -27.05 9.37 14.91
C ILE A 152 -26.34 10.61 15.49
N ALA A 153 -25.24 11.04 14.89
CA ALA A 153 -24.36 12.11 15.42
C ALA A 153 -25.06 13.46 15.41
N ARG A 154 -25.84 13.73 14.36
CA ARG A 154 -26.34 15.10 14.09
C ARG A 154 -27.73 15.28 14.71
N HIS A 155 -28.58 14.26 14.75
CA HIS A 155 -30.03 14.42 15.02
C HIS A 155 -30.49 13.80 16.34
N THR A 156 -29.65 13.00 17.03
CA THR A 156 -30.05 12.38 18.32
C THR A 156 -30.30 13.50 19.31
N PRO A 157 -31.55 13.68 19.80
CA PRO A 157 -31.88 14.75 20.76
C PRO A 157 -31.72 14.32 22.23
N GLU A 158 -31.41 15.26 23.12
CA GLU A 158 -31.55 15.10 24.61
C GLU A 158 -30.86 13.83 25.13
N VAL A 159 -29.76 13.44 24.54
CA VAL A 159 -28.85 12.39 25.07
C VAL A 159 -27.47 13.02 25.13
N PRO A 160 -26.72 12.90 26.25
CA PRO A 160 -25.35 13.41 26.29
C PRO A 160 -24.46 12.79 25.21
N ALA A 161 -23.55 13.61 24.67
CA ALA A 161 -22.62 13.27 23.57
C ALA A 161 -21.88 11.96 23.83
N ASP A 162 -21.43 11.71 25.06
CA ASP A 162 -20.56 10.52 25.36
C ASP A 162 -21.37 9.24 25.05
N ARG A 163 -22.67 9.23 25.33
CA ARG A 163 -23.54 8.05 25.11
C ARG A 163 -23.82 7.88 23.60
N VAL A 164 -24.02 9.01 22.88
CA VAL A 164 -24.24 9.02 21.41
C VAL A 164 -22.97 8.47 20.76
N LEU A 165 -21.78 8.84 21.24
CA LEU A 165 -20.47 8.34 20.73
C LEU A 165 -20.39 6.82 20.93
N LYS A 166 -20.81 6.30 22.09
CA LYS A 166 -20.81 4.84 22.38
C LYS A 166 -21.69 4.12 21.36
N VAL A 167 -22.82 4.71 20.98
CA VAL A 167 -23.72 4.13 19.93
C VAL A 167 -22.96 4.11 18.60
N ILE A 168 -22.35 5.24 18.18
CA ILE A 168 -21.54 5.29 16.93
C ILE A 168 -20.52 4.14 16.95
N ALA A 169 -19.74 4.00 18.01
CA ALA A 169 -18.67 2.98 18.14
C ALA A 169 -19.29 1.59 18.05
N ALA A 170 -20.39 1.35 18.75
CA ALA A 170 -21.06 0.03 18.84
C ALA A 170 -21.59 -0.34 17.45
N LEU A 171 -22.19 0.61 16.74
CA LEU A 171 -22.76 0.35 15.40
C LEU A 171 -21.61 0.06 14.42
N ALA A 172 -20.54 0.83 14.49
CA ALA A 172 -19.38 0.64 13.60
C ALA A 172 -18.80 -0.76 13.86
N ARG A 173 -18.63 -1.16 15.11
CA ARG A 173 -18.07 -2.50 15.48
C ARG A 173 -18.98 -3.58 14.90
N ALA A 174 -20.30 -3.40 15.02
CA ALA A 174 -21.35 -4.38 14.64
C ALA A 174 -21.40 -4.64 13.14
N VAL A 175 -21.17 -3.60 12.33
CA VAL A 175 -21.33 -3.61 10.85
C VAL A 175 -20.04 -4.08 10.17
N GLY A 176 -18.88 -3.79 10.76
CA GLY A 176 -17.55 -4.00 10.16
C GLY A 176 -17.03 -5.43 10.30
N ALA A 177 -15.72 -5.59 10.22
CA ALA A 177 -15.00 -6.88 10.13
C ALA A 177 -15.18 -7.70 11.41
N GLU A 178 -15.46 -7.10 12.56
CA GLU A 178 -15.75 -7.84 13.83
C GLU A 178 -17.23 -8.25 13.89
N GLY A 179 -18.05 -7.92 12.90
CA GLY A 179 -19.51 -8.19 12.94
C GLY A 179 -20.01 -8.61 11.58
N LEU A 180 -20.96 -7.85 11.02
CA LEU A 180 -21.68 -8.21 9.77
C LEU A 180 -20.66 -8.63 8.71
N VAL A 181 -19.66 -7.81 8.40
CA VAL A 181 -18.71 -8.10 7.28
C VAL A 181 -17.92 -9.39 7.58
N GLY A 182 -17.46 -9.59 8.81
CA GLY A 182 -16.77 -10.81 9.25
C GLY A 182 -17.60 -12.05 8.96
N GLY A 183 -18.87 -12.01 9.34
CA GLY A 183 -19.87 -13.06 9.07
C GLY A 183 -20.03 -13.33 7.59
N GLN A 184 -20.21 -12.28 6.78
CA GLN A 184 -20.33 -12.42 5.31
C GLN A 184 -19.09 -13.13 4.77
N VAL A 185 -17.90 -12.82 5.29
CA VAL A 185 -16.61 -13.29 4.71
C VAL A 185 -16.44 -14.78 5.04
N VAL A 186 -16.67 -15.20 6.29
CA VAL A 186 -16.60 -16.65 6.67
C VAL A 186 -17.67 -17.43 5.89
N ASP A 187 -18.86 -16.87 5.69
CA ASP A 187 -19.92 -17.51 4.87
C ASP A 187 -19.42 -17.72 3.42
N LEU A 188 -18.83 -16.71 2.79
CA LEU A 188 -18.29 -16.80 1.40
C LEU A 188 -17.23 -17.89 1.31
N GLN A 189 -16.35 -17.96 2.31
CA GLN A 189 -15.24 -18.95 2.37
C GLN A 189 -15.80 -20.36 2.57
N SER A 190 -17.01 -20.48 3.13
CA SER A 190 -17.66 -21.78 3.43
C SER A 190 -18.43 -22.31 2.22
N GLU A 191 -18.73 -21.48 1.21
CA GLU A 191 -19.48 -21.90 -0.01
C GLU A 191 -18.81 -23.15 -0.61
N GLY A 192 -19.59 -24.23 -0.78
CA GLY A 192 -19.20 -25.47 -1.46
C GLY A 192 -18.12 -26.26 -0.72
N ARG A 193 -17.98 -26.06 0.59
CA ARG A 193 -17.08 -26.90 1.44
C ARG A 193 -17.93 -28.04 2.02
N ASP A 194 -17.30 -29.16 2.33
CA ASP A 194 -17.98 -30.35 2.91
C ASP A 194 -17.68 -30.44 4.41
N ASP A 195 -16.83 -29.56 4.95
CA ASP A 195 -16.28 -29.68 6.33
C ASP A 195 -16.86 -28.58 7.24
N VAL A 196 -17.91 -27.88 6.81
CA VAL A 196 -18.50 -26.76 7.62
C VAL A 196 -19.16 -27.39 8.85
N ASN A 197 -18.70 -27.01 10.04
CA ASN A 197 -19.12 -27.57 11.35
C ASN A 197 -19.98 -26.53 12.08
N LEU A 198 -20.44 -26.86 13.28
CA LEU A 198 -21.44 -26.12 14.08
C LEU A 198 -20.81 -24.82 14.63
N GLU A 199 -19.51 -24.85 14.95
CA GLU A 199 -18.75 -23.67 15.42
C GLU A 199 -18.74 -22.61 14.32
N THR A 200 -18.48 -23.01 13.07
CA THR A 200 -18.45 -22.14 11.87
C THR A 200 -19.85 -21.55 11.67
N LEU A 201 -20.87 -22.39 11.77
CA LEU A 201 -22.27 -21.98 11.55
C LEU A 201 -22.66 -20.96 12.63
N HIS A 202 -22.27 -21.20 13.88
CA HIS A 202 -22.54 -20.31 15.03
C HIS A 202 -21.89 -18.95 14.78
N TYR A 203 -20.62 -18.94 14.34
CA TYR A 203 -19.86 -17.69 14.04
C TYR A 203 -20.62 -16.90 12.98
N ILE A 204 -20.93 -17.55 11.85
CA ILE A 204 -21.61 -16.92 10.69
C ILE A 204 -22.88 -16.24 11.17
N HIS A 205 -23.74 -16.94 11.92
CA HIS A 205 -25.08 -16.41 12.28
C HIS A 205 -24.98 -15.33 13.35
N THR A 206 -24.10 -15.48 14.35
CA THR A 206 -23.92 -14.46 15.42
C THR A 206 -23.30 -13.18 14.83
N HIS A 207 -22.54 -13.27 13.73
CA HIS A 207 -21.83 -12.14 13.10
C HIS A 207 -22.63 -11.58 11.92
N LYS A 208 -23.03 -12.41 10.96
CA LYS A 208 -23.75 -11.96 9.73
C LYS A 208 -25.07 -11.29 10.12
N THR A 209 -25.83 -11.84 11.07
CA THR A 209 -27.17 -11.32 11.47
C THR A 209 -27.18 -10.92 12.94
N GLY A 210 -26.52 -11.65 13.84
CA GLY A 210 -26.61 -11.40 15.29
C GLY A 210 -26.08 -10.03 15.69
N ALA A 211 -24.95 -9.60 15.16
CA ALA A 211 -24.23 -8.39 15.65
C ALA A 211 -25.13 -7.15 15.52
N LEU A 212 -25.84 -7.05 14.40
CA LEU A 212 -26.72 -5.91 14.12
C LEU A 212 -27.99 -5.97 14.99
N LEU A 213 -28.48 -7.17 15.31
CA LEU A 213 -29.62 -7.36 16.23
C LEU A 213 -29.16 -6.94 17.63
N GLU A 214 -27.97 -7.37 18.05
CA GLU A 214 -27.43 -7.04 19.38
C GLU A 214 -27.37 -5.52 19.51
N VAL A 215 -26.79 -4.83 18.52
CA VAL A 215 -26.60 -3.36 18.60
C VAL A 215 -27.96 -2.66 18.50
N SER A 216 -28.95 -3.23 17.80
CA SER A 216 -30.32 -2.64 17.74
C SER A 216 -30.89 -2.47 19.15
N VAL A 217 -30.82 -3.52 20.00
CA VAL A 217 -31.41 -3.46 21.38
C VAL A 217 -30.45 -2.67 22.28
N VAL A 218 -29.15 -2.91 22.19
CA VAL A 218 -28.17 -2.28 23.11
C VAL A 218 -28.18 -0.77 22.89
N SER A 219 -28.24 -0.29 21.64
CA SER A 219 -28.19 1.16 21.31
C SER A 219 -29.36 1.89 21.96
N GLY A 220 -30.58 1.34 21.85
CA GLY A 220 -31.79 1.88 22.52
C GLY A 220 -31.57 2.01 24.02
N ALA A 221 -31.00 1.00 24.66
CA ALA A 221 -30.71 0.98 26.12
C ALA A 221 -29.68 2.06 26.46
N ILE A 222 -28.60 2.17 25.68
CA ILE A 222 -27.50 3.15 25.91
C ILE A 222 -28.09 4.55 25.85
N LEU A 223 -28.89 4.85 24.83
CA LEU A 223 -29.48 6.20 24.66
C LEU A 223 -30.32 6.56 25.90
N ALA A 224 -31.01 5.56 26.47
CA ALA A 224 -31.88 5.73 27.68
C ALA A 224 -31.00 5.85 28.93
N GLY A 225 -29.74 5.45 28.88
CA GLY A 225 -28.83 5.47 30.04
C GLY A 225 -29.03 4.26 30.94
N ALA A 226 -29.37 3.13 30.36
CA ALA A 226 -29.46 1.82 31.04
C ALA A 226 -28.10 1.43 31.61
N SER A 227 -28.13 0.63 32.67
CA SER A 227 -26.96 -0.01 33.29
C SER A 227 -26.35 -1.04 32.32
N GLU A 228 -25.07 -1.33 32.49
CA GLU A 228 -24.35 -2.42 31.77
C GLU A 228 -25.11 -3.75 31.92
N GLU A 229 -25.70 -3.99 33.09
N GLU A 229 -25.71 -3.99 33.09
CA GLU A 229 -26.45 -5.23 33.41
CA GLU A 229 -26.46 -5.24 33.41
C GLU A 229 -27.65 -5.35 32.45
C GLU A 229 -27.65 -5.35 32.45
N LEU A 230 -28.47 -4.29 32.36
CA LEU A 230 -29.66 -4.27 31.46
C LEU A 230 -29.19 -4.45 30.01
N GLN A 231 -28.10 -3.76 29.62
CA GLN A 231 -27.50 -3.85 28.26
C GLN A 231 -27.15 -5.30 27.93
N GLU A 232 -26.54 -6.02 28.87
CA GLU A 232 -26.09 -7.42 28.66
C GLU A 232 -27.30 -8.37 28.61
N GLN A 233 -28.34 -8.07 29.37
CA GLN A 233 -29.60 -8.86 29.33
C GLN A 233 -30.20 -8.75 27.92
N LEU A 234 -30.31 -7.53 27.39
CA LEU A 234 -30.90 -7.26 26.06
C LEU A 234 -30.01 -7.86 24.96
N ARG A 235 -28.71 -7.72 25.09
CA ARG A 235 -27.75 -8.40 24.18
C ARG A 235 -28.05 -9.89 24.12
N THR A 236 -28.20 -10.55 25.28
CA THR A 236 -28.46 -12.01 25.36
C THR A 236 -29.74 -12.28 24.59
N TYR A 237 -30.80 -11.55 24.92
CA TYR A 237 -32.13 -11.70 24.25
C TYR A 237 -31.99 -11.66 22.73
N ALA A 238 -31.27 -10.65 22.21
CA ALA A 238 -31.16 -10.40 20.76
C ALA A 238 -30.36 -11.52 20.07
N GLN A 239 -29.24 -11.92 20.66
CA GLN A 239 -28.43 -13.04 20.12
C GLN A 239 -29.32 -14.29 20.02
N LYS A 240 -30.08 -14.60 21.08
CA LYS A 240 -30.85 -15.86 21.18
C LYS A 240 -31.97 -15.85 20.12
N ILE A 241 -32.72 -14.76 20.02
CA ILE A 241 -33.85 -14.70 19.05
C ILE A 241 -33.30 -14.74 17.62
N GLY A 242 -32.10 -14.22 17.40
CA GLY A 242 -31.44 -14.24 16.09
C GLY A 242 -31.08 -15.65 15.68
N LEU A 243 -30.41 -16.36 16.57
CA LEU A 243 -30.07 -17.79 16.38
C LEU A 243 -31.37 -18.60 16.20
N ALA A 244 -32.38 -18.37 17.05
CA ALA A 244 -33.67 -19.09 16.99
C ALA A 244 -34.27 -18.93 15.60
N PHE A 245 -34.35 -17.69 15.10
CA PHE A 245 -34.89 -17.38 13.75
C PHE A 245 -34.14 -18.19 12.68
N GLN A 246 -32.82 -18.31 12.77
CA GLN A 246 -32.00 -19.02 11.74
C GLN A 246 -32.26 -20.53 11.81
N VAL A 247 -32.32 -21.10 13.01
CA VAL A 247 -32.57 -22.56 13.18
C VAL A 247 -33.94 -22.90 12.58
N ILE A 248 -34.96 -22.12 12.89
CA ILE A 248 -36.34 -22.39 12.43
C ILE A 248 -36.44 -22.20 10.91
N ASP A 249 -35.72 -21.24 10.34
CA ASP A 249 -35.72 -21.01 8.87
C ASP A 249 -35.16 -22.26 8.17
N ASP A 250 -34.06 -22.82 8.69
CA ASP A 250 -33.41 -24.03 8.13
C ASP A 250 -34.40 -25.19 8.18
N ILE A 251 -35.14 -25.31 9.29
CA ILE A 251 -36.18 -26.35 9.49
C ILE A 251 -37.27 -26.18 8.44
N LEU A 252 -37.76 -24.94 8.23
CA LEU A 252 -38.84 -24.63 7.25
C LEU A 252 -38.39 -24.91 5.81
N ASP A 253 -37.10 -24.80 5.50
CA ASP A 253 -36.57 -25.09 4.14
C ASP A 253 -36.69 -26.58 3.83
N ILE A 254 -36.35 -27.44 4.79
CA ILE A 254 -36.37 -28.92 4.63
C ILE A 254 -37.79 -29.46 4.87
N THR A 255 -38.61 -28.79 5.69
CA THR A 255 -40.10 -28.94 5.68
C THR A 255 -40.61 -28.45 4.31
N LYS A 272 -25.75 -29.77 0.23
CA LYS A 272 -24.29 -29.57 0.45
C LYS A 272 -24.07 -28.40 1.44
N LYS A 273 -24.91 -27.36 1.38
CA LYS A 273 -24.97 -26.28 2.42
C LYS A 273 -25.17 -26.95 3.78
N ALA A 274 -24.18 -26.84 4.68
CA ALA A 274 -24.31 -27.33 6.07
C ALA A 274 -25.34 -26.46 6.79
N THR A 275 -26.37 -27.10 7.36
CA THR A 275 -27.46 -26.42 8.09
C THR A 275 -27.54 -27.00 9.51
N TYR A 276 -28.37 -26.41 10.37
CA TYR A 276 -28.60 -26.92 11.75
C TYR A 276 -29.18 -28.33 11.65
N PRO A 277 -30.27 -28.58 10.87
CA PRO A 277 -30.75 -29.95 10.66
C PRO A 277 -29.70 -30.92 10.08
N SER A 278 -28.88 -30.49 9.11
CA SER A 278 -27.87 -31.36 8.46
C SER A 278 -26.82 -31.81 9.51
N LEU A 279 -26.58 -31.02 10.55
CA LEU A 279 -25.48 -31.30 11.51
C LEU A 279 -26.04 -31.87 12.83
N LEU A 280 -27.14 -31.32 13.32
CA LEU A 280 -27.78 -31.69 14.61
C LEU A 280 -28.85 -32.78 14.41
N GLY A 281 -29.53 -32.76 13.26
CA GLY A 281 -30.78 -33.52 13.01
C GLY A 281 -32.01 -32.68 13.32
N LEU A 282 -33.12 -32.96 12.64
CA LEU A 282 -34.37 -32.15 12.68
C LEU A 282 -34.85 -31.98 14.13
N ASP A 283 -34.98 -33.07 14.88
CA ASP A 283 -35.63 -33.05 16.22
C ASP A 283 -34.74 -32.26 17.20
N ALA A 284 -33.43 -32.44 17.10
CA ALA A 284 -32.43 -31.71 17.92
C ALA A 284 -32.45 -30.21 17.57
N SER A 285 -32.58 -29.88 16.27
CA SER A 285 -32.71 -28.49 15.77
C SER A 285 -33.92 -27.83 16.43
N ARG A 286 -35.06 -28.53 16.46
CA ARG A 286 -36.33 -28.02 17.03
C ARG A 286 -36.13 -27.75 18.52
N GLU A 287 -35.44 -28.63 19.23
CA GLU A 287 -35.20 -28.47 20.69
C GLU A 287 -34.30 -27.26 20.90
N TYR A 288 -33.29 -27.09 20.03
CA TYR A 288 -32.31 -25.97 20.10
C TYR A 288 -33.07 -24.64 19.97
N ALA A 289 -33.90 -24.51 18.94
CA ALA A 289 -34.77 -23.33 18.73
C ALA A 289 -35.58 -23.04 20.01
N ASP A 290 -36.17 -24.06 20.62
CA ASP A 290 -37.03 -23.88 21.83
C ASP A 290 -36.16 -23.43 22.99
N GLN A 291 -34.98 -24.00 23.14
CA GLN A 291 -34.04 -23.63 24.23
C GLN A 291 -33.62 -22.16 24.07
N LEU A 292 -33.37 -21.72 22.84
CA LEU A 292 -32.94 -20.33 22.54
C LEU A 292 -34.04 -19.36 22.96
N ILE A 293 -35.31 -19.61 22.59
CA ILE A 293 -36.41 -18.67 22.98
C ILE A 293 -36.61 -18.71 24.50
N THR A 294 -36.43 -19.87 25.14
CA THR A 294 -36.50 -19.97 26.62
C THR A 294 -35.44 -19.03 27.21
N GLU A 295 -34.18 -19.16 26.78
CA GLU A 295 -33.06 -18.34 27.31
C GLU A 295 -33.25 -16.86 26.97
N ALA A 296 -33.93 -16.55 25.85
CA ALA A 296 -34.18 -15.16 25.43
C ALA A 296 -35.18 -14.51 26.39
N LYS A 297 -36.28 -15.20 26.68
CA LYS A 297 -37.36 -14.70 27.58
C LYS A 297 -36.82 -14.63 29.01
N ALA A 298 -35.95 -15.58 29.38
CA ALA A 298 -35.35 -15.64 30.73
C ALA A 298 -34.53 -14.36 30.93
N ALA A 299 -33.79 -13.95 29.90
CA ALA A 299 -32.90 -12.77 29.96
C ALA A 299 -33.70 -11.51 30.34
N ILE A 300 -35.00 -11.43 30.00
CA ILE A 300 -35.82 -10.22 30.26
C ILE A 300 -36.96 -10.53 31.24
N ALA A 301 -36.80 -11.56 32.08
CA ALA A 301 -37.89 -12.08 32.94
C ALA A 301 -38.28 -11.07 34.03
N ALA A 302 -37.32 -10.26 34.50
CA ALA A 302 -37.49 -9.34 35.65
C ALA A 302 -38.50 -8.22 35.36
N PHE A 303 -38.69 -7.81 34.11
CA PHE A 303 -39.51 -6.60 33.78
C PHE A 303 -41.00 -7.00 33.79
N GLY A 304 -41.89 -6.04 33.57
CA GLY A 304 -43.33 -6.28 33.42
C GLY A 304 -43.83 -6.05 32.00
N ALA A 305 -44.86 -5.23 31.85
CA ALA A 305 -45.59 -5.00 30.59
C ALA A 305 -44.67 -4.38 29.53
N GLU A 306 -43.60 -3.73 29.97
CA GLU A 306 -42.65 -3.05 29.04
C GLU A 306 -41.95 -4.12 28.18
N ALA A 307 -41.79 -5.34 28.69
CA ALA A 307 -41.04 -6.41 27.99
C ALA A 307 -42.00 -7.25 27.15
N ASP A 308 -43.30 -6.96 27.19
CA ASP A 308 -44.33 -7.77 26.50
C ASP A 308 -44.08 -7.78 24.99
N PRO A 309 -43.86 -6.62 24.32
CA PRO A 309 -43.51 -6.64 22.90
C PRO A 309 -42.30 -7.55 22.61
N LEU A 310 -41.26 -7.50 23.42
CA LEU A 310 -40.06 -8.34 23.18
C LEU A 310 -40.40 -9.82 23.41
N ARG A 311 -41.20 -10.12 24.44
CA ARG A 311 -41.65 -11.51 24.72
C ARG A 311 -42.45 -12.04 23.52
N ALA A 312 -43.35 -11.23 22.98
CA ALA A 312 -44.22 -11.62 21.85
C ALA A 312 -43.36 -11.91 20.61
N ILE A 313 -42.31 -11.13 20.35
CA ILE A 313 -41.43 -11.35 19.17
C ILE A 313 -40.74 -12.71 19.31
N ALA A 314 -40.23 -13.03 20.50
CA ALA A 314 -39.65 -14.36 20.82
C ALA A 314 -40.69 -15.45 20.50
N ASP A 315 -41.90 -15.35 21.07
CA ASP A 315 -42.97 -16.36 20.87
C ASP A 315 -43.22 -16.55 19.38
N TYR A 316 -43.34 -15.44 18.63
CA TYR A 316 -43.75 -15.46 17.20
C TYR A 316 -42.78 -16.34 16.43
N ILE A 317 -41.49 -16.22 16.76
CA ILE A 317 -40.41 -16.94 16.02
C ILE A 317 -40.68 -18.43 16.12
N THR A 318 -40.95 -18.98 17.32
CA THR A 318 -41.15 -20.44 17.51
C THR A 318 -42.50 -20.86 16.90
N ALA A 319 -43.52 -20.02 17.02
CA ALA A 319 -44.86 -20.23 16.44
C ALA A 319 -44.79 -20.25 14.90
N ARG A 320 -43.74 -19.68 14.28
CA ARG A 320 -43.55 -19.63 12.80
C ARG A 320 -43.15 -21.04 12.31
N PHE B 30 11.67 26.37 4.14
CA PHE B 30 10.94 25.21 4.78
C PHE B 30 11.21 23.91 4.02
N ASP B 31 11.75 22.89 4.69
CA ASP B 31 12.05 21.57 4.07
C ASP B 31 10.75 20.73 4.03
N LEU B 32 9.95 20.92 2.98
CA LEU B 32 8.72 20.10 2.76
C LEU B 32 9.07 18.61 2.64
N LYS B 33 10.09 18.25 1.85
CA LYS B 33 10.46 16.82 1.62
C LYS B 33 10.64 16.13 2.97
N SER B 34 11.28 16.82 3.91
CA SER B 34 11.70 16.26 5.23
C SER B 34 10.48 16.18 6.14
N TYR B 35 9.63 17.23 6.14
CA TYR B 35 8.37 17.30 6.91
C TYR B 35 7.45 16.15 6.47
N LEU B 36 7.26 15.99 5.15
CA LEU B 36 6.38 14.96 4.56
C LEU B 36 6.90 13.57 4.89
N LYS B 37 8.21 13.33 4.79
CA LYS B 37 8.79 11.98 5.02
C LYS B 37 8.55 11.59 6.50
N GLU B 38 8.66 12.54 7.44
CA GLU B 38 8.53 12.28 8.90
C GLU B 38 7.07 11.97 9.20
N ARG B 39 6.17 12.83 8.74
CA ARG B 39 4.71 12.70 8.93
C ARG B 39 4.19 11.41 8.26
N GLN B 40 4.70 11.07 7.07
CA GLN B 40 4.34 9.79 6.38
C GLN B 40 4.71 8.61 7.27
N ARG B 41 5.93 8.59 7.80
CA ARG B 41 6.43 7.53 8.71
C ARG B 41 5.45 7.40 9.88
N GLN B 42 5.05 8.52 10.50
CA GLN B 42 4.20 8.53 11.71
C GLN B 42 2.82 7.95 11.36
N VAL B 43 2.25 8.38 10.23
CA VAL B 43 0.89 7.95 9.80
C VAL B 43 0.94 6.45 9.48
N GLU B 44 1.97 5.98 8.79
CA GLU B 44 2.06 4.56 8.38
C GLU B 44 2.19 3.68 9.62
N ALA B 45 2.88 4.16 10.65
CA ALA B 45 3.07 3.41 11.92
C ALA B 45 1.73 3.34 12.64
N ALA B 46 1.01 4.46 12.68
CA ALA B 46 -0.35 4.56 13.28
C ALA B 46 -1.33 3.61 12.55
N LEU B 47 -1.35 3.64 11.21
CA LEU B 47 -2.26 2.81 10.38
C LEU B 47 -2.01 1.34 10.68
N ASN B 48 -0.75 0.92 10.69
CA ASN B 48 -0.35 -0.48 10.93
C ASN B 48 -0.80 -0.94 12.32
N ALA B 49 -0.69 -0.07 13.32
CA ALA B 49 -1.04 -0.37 14.73
C ALA B 49 -2.56 -0.34 14.95
N ILE B 50 -3.28 0.59 14.30
CA ILE B 50 -4.75 0.81 14.57
C ILE B 50 -5.55 -0.31 13.89
N LEU B 51 -5.00 -0.98 12.88
CA LEU B 51 -5.67 -2.07 12.15
C LEU B 51 -4.73 -3.26 12.03
N PRO B 52 -4.45 -3.96 13.15
CA PRO B 52 -3.58 -5.13 13.11
C PRO B 52 -4.25 -6.34 12.46
N PRO B 53 -3.47 -7.32 11.95
CA PRO B 53 -4.04 -8.57 11.45
C PRO B 53 -4.84 -9.28 12.55
N GLN B 54 -6.07 -9.69 12.23
CA GLN B 54 -7.05 -10.28 13.17
C GLN B 54 -7.88 -11.34 12.43
N ASP B 55 -8.87 -11.93 13.10
CA ASP B 55 -9.76 -12.97 12.53
C ASP B 55 -11.09 -12.33 12.23
N PRO B 56 -11.78 -12.68 11.10
CA PRO B 56 -11.23 -13.60 10.10
C PRO B 56 -10.05 -13.05 9.30
N PRO B 57 -8.96 -13.81 9.14
CA PRO B 57 -7.70 -13.28 8.59
C PRO B 57 -7.85 -12.63 7.21
N LEU B 58 -8.65 -13.20 6.32
CA LEU B 58 -8.75 -12.75 4.90
C LEU B 58 -9.24 -11.30 4.83
N ILE B 59 -10.26 -10.91 5.62
CA ILE B 59 -10.86 -9.55 5.51
C ILE B 59 -9.83 -8.52 5.99
N TYR B 60 -9.13 -8.80 7.08
CA TYR B 60 -8.08 -7.88 7.61
C TYR B 60 -6.93 -7.79 6.60
N GLU B 61 -6.60 -8.89 5.93
CA GLU B 61 -5.47 -8.91 4.97
C GLU B 61 -5.83 -8.02 3.77
N SER B 62 -7.05 -8.16 3.25
CA SER B 62 -7.55 -7.35 2.10
C SER B 62 -7.54 -5.87 2.49
N MET B 63 -8.03 -5.55 3.67
CA MET B 63 -8.13 -4.15 4.15
C MET B 63 -6.72 -3.56 4.20
N ARG B 64 -5.78 -4.28 4.82
CA ARG B 64 -4.39 -3.80 5.05
C ARG B 64 -3.67 -3.73 3.69
N TYR B 65 -3.95 -4.66 2.78
CA TYR B 65 -3.36 -4.70 1.41
C TYR B 65 -3.53 -3.34 0.74
N SER B 66 -4.74 -2.76 0.81
CA SER B 66 -5.03 -1.45 0.16
C SER B 66 -4.60 -0.30 1.08
N LEU B 67 -4.86 -0.41 2.38
CA LEU B 67 -4.61 0.71 3.33
C LEU B 67 -3.10 1.00 3.47
N LEU B 68 -2.26 -0.05 3.52
CA LEU B 68 -0.82 0.09 3.86
C LEU B 68 0.06 0.13 2.60
N ALA B 69 -0.57 0.15 1.43
CA ALA B 69 0.11 0.41 0.14
C ALA B 69 0.74 1.81 0.15
N GLU B 70 1.76 2.00 -0.68
CA GLU B 70 2.52 3.26 -0.86
C GLU B 70 1.55 4.40 -1.12
N GLY B 71 1.67 5.51 -0.37
CA GLY B 71 0.95 6.75 -0.71
C GLY B 71 1.50 7.97 0.01
N LYS B 72 1.12 9.16 -0.48
CA LYS B 72 1.54 10.48 0.05
C LYS B 72 0.89 10.73 1.44
N ARG B 73 -0.28 10.14 1.73
CA ARG B 73 -1.00 10.35 3.02
C ARG B 73 -1.32 11.84 3.22
N LEU B 74 -1.67 12.55 2.15
CA LEU B 74 -1.94 14.02 2.22
C LEU B 74 -3.07 14.33 3.21
N ARG B 75 -4.12 13.50 3.24
CA ARG B 75 -5.34 13.80 4.02
C ARG B 75 -5.03 13.70 5.51
N PRO B 76 -4.45 12.60 6.01
CA PRO B 76 -4.04 12.52 7.40
C PRO B 76 -3.05 13.64 7.78
N ILE B 77 -2.10 13.94 6.89
CA ILE B 77 -1.08 15.01 7.11
C ILE B 77 -1.80 16.36 7.25
N LEU B 78 -2.79 16.65 6.41
CA LEU B 78 -3.55 17.93 6.49
C LEU B 78 -4.32 18.00 7.82
N CYS B 79 -4.85 16.86 8.29
CA CYS B 79 -5.59 16.74 9.58
C CYS B 79 -4.63 17.08 10.74
N LEU B 80 -3.46 16.44 10.79
CA LEU B 80 -2.48 16.67 11.88
C LEU B 80 -2.00 18.14 11.85
N ALA B 81 -1.75 18.67 10.65
CA ALA B 81 -1.24 20.06 10.45
C ALA B 81 -2.29 21.09 10.87
N SER B 82 -3.56 20.85 10.56
CA SER B 82 -4.69 21.75 10.90
C SER B 82 -4.89 21.77 12.41
N CYS B 83 -4.85 20.61 13.04
CA CYS B 83 -4.98 20.46 14.51
C CYS B 83 -3.90 21.32 15.18
N GLU B 84 -2.64 21.11 14.78
CA GLU B 84 -1.44 21.82 15.35
C GLU B 84 -1.59 23.33 15.16
N LEU B 85 -1.95 23.74 13.96
CA LEU B 85 -2.11 25.17 13.60
C LEU B 85 -3.15 25.81 14.52
N ALA B 86 -4.21 25.08 14.86
CA ALA B 86 -5.32 25.56 15.72
C ALA B 86 -5.01 25.33 17.21
N GLY B 87 -3.81 24.86 17.55
CA GLY B 87 -3.36 24.79 18.94
C GLY B 87 -3.51 23.41 19.57
N GLY B 88 -3.94 22.42 18.81
CA GLY B 88 -4.09 21.04 19.29
C GLY B 88 -2.78 20.28 19.19
N THR B 89 -2.73 19.04 19.67
CA THR B 89 -1.58 18.12 19.49
C THR B 89 -1.92 17.13 18.37
N ALA B 90 -0.88 16.60 17.73
CA ALA B 90 -0.97 15.46 16.76
C ALA B 90 -1.75 14.32 17.42
N ALA B 91 -1.46 14.01 18.67
CA ALA B 91 -1.97 12.82 19.39
C ALA B 91 -3.51 12.79 19.42
N ILE B 92 -4.17 13.94 19.60
CA ILE B 92 -5.65 13.98 19.75
C ILE B 92 -6.31 13.73 18.39
N ALA B 93 -5.58 13.98 17.29
CA ALA B 93 -6.09 13.99 15.90
C ALA B 93 -5.67 12.73 15.13
N LEU B 94 -4.83 11.87 15.70
CA LEU B 94 -4.19 10.76 14.96
C LEU B 94 -5.23 9.71 14.59
N PRO B 95 -6.15 9.32 15.49
CA PRO B 95 -7.24 8.40 15.10
C PRO B 95 -8.07 8.97 13.92
N THR B 96 -8.46 10.23 13.97
CA THR B 96 -9.15 10.93 12.84
C THR B 96 -8.27 10.92 11.59
N ALA B 97 -6.99 11.25 11.72
CA ALA B 97 -6.02 11.22 10.60
C ALA B 97 -6.09 9.84 9.93
N CYS B 98 -6.00 8.76 10.70
CA CYS B 98 -6.06 7.36 10.20
C CYS B 98 -7.41 7.11 9.54
N ALA B 99 -8.48 7.64 10.14
CA ALA B 99 -9.87 7.46 9.64
C ALA B 99 -9.96 8.07 8.23
N LEU B 100 -9.35 9.22 8.01
CA LEU B 100 -9.45 9.93 6.72
C LEU B 100 -8.80 9.08 5.65
N GLU B 101 -7.70 8.42 5.97
CA GLU B 101 -6.98 7.53 5.02
C GLU B 101 -7.82 6.28 4.74
N MET B 102 -8.52 5.76 5.75
CA MET B 102 -9.39 4.57 5.63
C MET B 102 -10.52 4.84 4.63
N VAL B 103 -11.13 6.02 4.72
CA VAL B 103 -12.25 6.45 3.85
C VAL B 103 -11.70 6.63 2.44
N HIS B 104 -10.57 7.31 2.31
CA HIS B 104 -9.86 7.49 1.02
C HIS B 104 -9.60 6.12 0.40
N THR B 105 -9.06 5.19 1.18
CA THR B 105 -8.72 3.81 0.74
C THR B 105 -9.98 3.07 0.28
N MET B 106 -11.08 3.15 1.03
CA MET B 106 -12.34 2.46 0.61
C MET B 106 -12.82 3.06 -0.73
N SER B 107 -12.71 4.37 -0.96
CA SER B 107 -13.14 5.00 -2.22
C SER B 107 -12.34 4.42 -3.39
N LEU B 108 -11.03 4.23 -3.23
CA LEU B 108 -10.17 3.66 -4.30
C LEU B 108 -10.57 2.20 -4.53
N ILE B 109 -10.74 1.40 -3.48
CA ILE B 109 -11.13 -0.03 -3.62
C ILE B 109 -12.42 -0.12 -4.45
N HIS B 110 -13.46 0.63 -4.09
CA HIS B 110 -14.78 0.58 -4.78
C HIS B 110 -14.62 1.10 -6.21
N ASP B 111 -13.81 2.15 -6.43
CA ASP B 111 -13.65 2.78 -7.76
C ASP B 111 -12.92 1.85 -8.73
N ASP B 112 -12.02 1.01 -8.23
CA ASP B 112 -11.24 0.11 -9.12
C ASP B 112 -12.14 -1.03 -9.61
N LEU B 113 -13.31 -1.24 -9.01
CA LEU B 113 -14.17 -2.43 -9.33
C LEU B 113 -14.58 -2.37 -10.79
N PRO B 114 -14.75 -3.56 -11.45
CA PRO B 114 -15.23 -3.63 -12.83
C PRO B 114 -16.51 -2.83 -13.13
N SER B 115 -17.40 -2.72 -12.15
CA SER B 115 -18.67 -1.94 -12.21
C SER B 115 -18.39 -0.45 -12.34
N MET B 116 -17.21 0.01 -11.90
CA MET B 116 -16.85 1.45 -11.82
C MET B 116 -15.74 1.75 -12.84
N ASP B 117 -14.48 1.95 -12.45
CA ASP B 117 -13.40 2.34 -13.41
C ASP B 117 -12.68 1.10 -13.97
N ASN B 118 -12.90 -0.08 -13.41
CA ASN B 118 -12.43 -1.38 -13.95
C ASN B 118 -10.91 -1.33 -14.12
N ASP B 119 -10.16 -1.13 -13.05
CA ASP B 119 -8.67 -1.03 -13.07
C ASP B 119 -8.10 -2.34 -12.50
N ASP B 120 -7.21 -2.99 -13.24
CA ASP B 120 -6.53 -4.24 -12.79
C ASP B 120 -5.28 -3.89 -11.98
N PHE B 121 -4.76 -2.67 -12.12
CA PHE B 121 -3.48 -2.24 -11.48
C PHE B 121 -3.65 -0.81 -10.96
N ARG B 122 -2.99 -0.53 -9.84
CA ARG B 122 -2.94 0.80 -9.20
C ARG B 122 -1.52 0.99 -8.69
N ARG B 123 -0.83 2.04 -9.14
CA ARG B 123 0.53 2.40 -8.65
C ARG B 123 1.43 1.14 -8.72
N GLY B 124 1.34 0.39 -9.83
CA GLY B 124 2.22 -0.75 -10.13
C GLY B 124 1.74 -2.08 -9.56
N ARG B 125 0.80 -2.08 -8.60
CA ARG B 125 0.39 -3.32 -7.88
C ARG B 125 -1.03 -3.69 -8.33
N PRO B 126 -1.40 -4.99 -8.30
CA PRO B 126 -2.77 -5.39 -8.57
C PRO B 126 -3.78 -4.72 -7.62
N THR B 127 -4.98 -4.46 -8.12
CA THR B 127 -6.08 -3.85 -7.34
C THR B 127 -6.66 -4.91 -6.42
N ASN B 128 -7.34 -4.48 -5.37
CA ASN B 128 -7.87 -5.37 -4.30
C ASN B 128 -8.67 -6.51 -4.94
N HIS B 129 -9.54 -6.19 -5.90
CA HIS B 129 -10.48 -7.19 -6.46
C HIS B 129 -9.74 -8.22 -7.32
N LYS B 130 -8.63 -7.85 -7.95
CA LYS B 130 -7.82 -8.78 -8.80
C LYS B 130 -7.13 -9.80 -7.90
N VAL B 131 -6.85 -9.45 -6.65
CA VAL B 131 -6.16 -10.34 -5.69
C VAL B 131 -7.16 -11.14 -4.87
N TYR B 132 -8.24 -10.52 -4.37
CA TYR B 132 -9.13 -11.15 -3.36
C TYR B 132 -10.52 -11.48 -3.94
N GLY B 133 -10.82 -11.05 -5.16
CA GLY B 133 -12.19 -11.13 -5.73
C GLY B 133 -12.99 -9.87 -5.45
N GLU B 134 -14.01 -9.63 -6.26
CA GLU B 134 -14.85 -8.41 -6.19
C GLU B 134 -15.63 -8.41 -4.88
N ASP B 135 -16.09 -9.58 -4.43
CA ASP B 135 -16.90 -9.73 -3.20
C ASP B 135 -16.08 -9.30 -1.99
N ILE B 136 -14.87 -9.84 -1.81
CA ILE B 136 -13.98 -9.46 -0.68
C ILE B 136 -13.62 -7.98 -0.79
N ALA B 137 -13.35 -7.48 -2.00
CA ALA B 137 -12.95 -6.07 -2.21
C ALA B 137 -14.10 -5.14 -1.74
N ILE B 138 -15.32 -5.40 -2.18
CA ILE B 138 -16.55 -4.62 -1.76
C ILE B 138 -16.62 -4.62 -0.23
N LEU B 139 -16.49 -5.79 0.39
CA LEU B 139 -16.61 -5.92 1.85
C LEU B 139 -15.44 -5.24 2.57
N ALA B 140 -14.23 -5.30 2.02
CA ALA B 140 -13.03 -4.64 2.60
C ALA B 140 -13.27 -3.13 2.62
N GLY B 141 -13.80 -2.59 1.52
CA GLY B 141 -14.21 -1.18 1.44
C GLY B 141 -15.24 -0.83 2.50
N ASP B 142 -16.30 -1.64 2.62
CA ASP B 142 -17.38 -1.44 3.62
C ASP B 142 -16.78 -1.44 5.03
N ALA B 143 -15.89 -2.39 5.32
CA ALA B 143 -15.29 -2.54 6.68
C ALA B 143 -14.35 -1.38 6.99
N LEU B 144 -13.67 -0.81 5.99
CA LEU B 144 -12.74 0.34 6.20
C LEU B 144 -13.55 1.61 6.45
N LEU B 145 -14.64 1.80 5.72
CA LEU B 145 -15.54 2.95 5.93
C LEU B 145 -16.09 2.91 7.36
N THR B 146 -16.56 1.74 7.82
CA THR B 146 -17.09 1.59 9.19
C THR B 146 -15.98 1.80 10.21
N TYR B 147 -14.80 1.24 9.97
CA TYR B 147 -13.70 1.33 10.96
C TYR B 147 -13.28 2.78 11.14
N ALA B 148 -13.35 3.60 10.10
CA ALA B 148 -13.05 5.05 10.15
C ALA B 148 -13.84 5.67 11.29
N PHE B 149 -15.15 5.45 11.32
CA PHE B 149 -16.08 6.01 12.34
C PHE B 149 -15.77 5.38 13.70
N GLU B 150 -15.46 4.10 13.74
CA GLU B 150 -15.18 3.38 15.01
C GLU B 150 -13.91 4.00 15.62
N ALA B 151 -12.86 4.20 14.83
CA ALA B 151 -11.55 4.68 15.31
C ALA B 151 -11.72 6.08 15.90
N ILE B 152 -12.47 6.95 15.23
CA ILE B 152 -12.72 8.33 15.74
C ILE B 152 -13.44 8.23 17.09
N ALA B 153 -14.55 7.50 17.15
CA ALA B 153 -15.46 7.45 18.32
C ALA B 153 -14.78 6.76 19.51
N ARG B 154 -14.00 5.73 19.24
CA ARG B 154 -13.48 4.81 20.29
C ARG B 154 -12.14 5.32 20.84
N HIS B 155 -11.26 5.90 20.00
CA HIS B 155 -9.82 6.09 20.34
C HIS B 155 -9.42 7.57 20.45
N THR B 156 -10.28 8.52 20.09
CA THR B 156 -9.94 9.96 20.14
C THR B 156 -9.74 10.32 21.60
N PRO B 157 -8.52 10.70 22.03
CA PRO B 157 -8.26 11.04 23.43
C PRO B 157 -8.50 12.52 23.79
N GLU B 158 -8.93 12.77 25.03
CA GLU B 158 -8.95 14.07 25.75
C GLU B 158 -10.05 14.99 25.25
N VAL B 159 -10.21 15.10 23.94
CA VAL B 159 -11.20 16.04 23.31
C VAL B 159 -12.57 15.73 23.91
N PRO B 160 -13.35 16.74 24.34
CA PRO B 160 -14.71 16.49 24.80
C PRO B 160 -15.58 15.82 23.71
N ALA B 161 -16.47 14.93 24.15
CA ALA B 161 -17.36 14.07 23.32
C ALA B 161 -18.11 14.89 22.26
N ASP B 162 -18.61 16.07 22.61
CA ASP B 162 -19.47 16.87 21.69
C ASP B 162 -18.67 17.22 20.44
N ARG B 163 -17.38 17.50 20.57
CA ARG B 163 -16.49 17.89 19.44
C ARG B 163 -16.14 16.66 18.61
N VAL B 164 -15.95 15.51 19.24
CA VAL B 164 -15.69 14.21 18.56
C VAL B 164 -16.92 13.86 17.71
N LEU B 165 -18.12 14.08 18.24
CA LEU B 165 -19.40 13.88 17.51
C LEU B 165 -19.46 14.79 16.28
N LYS B 166 -19.05 16.05 16.42
CA LYS B 166 -19.06 17.04 15.29
C LYS B 166 -18.17 16.50 14.16
N VAL B 167 -17.05 15.88 14.51
CA VAL B 167 -16.13 15.28 13.50
C VAL B 167 -16.84 14.12 12.81
N ILE B 168 -17.46 13.19 13.57
CA ILE B 168 -18.23 12.05 12.99
C ILE B 168 -19.25 12.61 11.97
N ALA B 169 -20.03 13.62 12.35
CA ALA B 169 -21.09 14.20 11.50
C ALA B 169 -20.44 14.81 10.26
N ALA B 170 -19.34 15.54 10.42
CA ALA B 170 -18.67 16.27 9.33
C ALA B 170 -18.11 15.26 8.33
N LEU B 171 -17.51 14.18 8.83
CA LEU B 171 -16.92 13.13 7.95
C LEU B 171 -18.05 12.42 7.19
N ALA B 172 -19.15 12.10 7.87
CA ALA B 172 -20.29 11.42 7.22
C ALA B 172 -20.83 12.33 6.12
N ARG B 173 -21.01 13.62 6.38
CA ARG B 173 -21.55 14.56 5.36
C ARG B 173 -20.61 14.61 4.15
N ALA B 174 -19.29 14.61 4.40
CA ALA B 174 -18.23 14.78 3.39
C ALA B 174 -18.13 13.56 2.47
N VAL B 175 -18.32 12.36 3.00
CA VAL B 175 -18.15 11.06 2.28
C VAL B 175 -19.41 10.67 1.51
N GLY B 176 -20.59 11.05 1.99
CA GLY B 176 -21.90 10.57 1.47
C GLY B 176 -22.39 11.36 0.27
N ALA B 177 -23.70 11.35 0.06
CA ALA B 177 -24.38 11.93 -1.11
C ALA B 177 -24.20 13.44 -1.19
N GLU B 178 -23.93 14.15 -0.09
CA GLU B 178 -23.65 15.63 -0.15
C GLU B 178 -22.19 15.90 -0.50
N GLY B 179 -21.35 14.87 -0.63
CA GLY B 179 -19.90 15.03 -0.79
C GLY B 179 -19.34 14.06 -1.80
N LEU B 180 -18.41 13.21 -1.37
CA LEU B 180 -17.66 12.29 -2.26
C LEU B 180 -18.66 11.57 -3.18
N VAL B 181 -19.66 10.88 -2.63
CA VAL B 181 -20.59 10.03 -3.44
C VAL B 181 -21.36 10.89 -4.45
N GLY B 182 -21.84 12.06 -4.04
CA GLY B 182 -22.56 12.99 -4.93
C GLY B 182 -21.70 13.35 -6.12
N GLY B 183 -20.44 13.70 -5.88
CA GLY B 183 -19.41 13.98 -6.90
C GLY B 183 -19.22 12.83 -7.84
N GLN B 184 -19.02 11.61 -7.32
CA GLN B 184 -18.85 10.40 -8.16
C GLN B 184 -20.08 10.22 -9.05
N VAL B 185 -21.28 10.52 -8.55
CA VAL B 185 -22.55 10.21 -9.28
C VAL B 185 -22.71 11.23 -10.42
N VAL B 186 -22.50 12.52 -10.19
CA VAL B 186 -22.56 13.55 -11.27
C VAL B 186 -21.46 13.27 -12.30
N ASP B 187 -20.27 12.84 -11.89
CA ASP B 187 -19.18 12.43 -12.81
C ASP B 187 -19.66 11.28 -13.71
N LEU B 188 -20.25 10.21 -13.15
CA LEU B 188 -20.75 9.03 -13.93
C LEU B 188 -21.79 9.48 -14.95
N GLN B 189 -22.70 10.35 -14.52
CA GLN B 189 -23.79 10.89 -15.36
C GLN B 189 -23.23 11.77 -16.49
N SER B 190 -22.04 12.32 -16.31
CA SER B 190 -21.39 13.25 -17.28
C SER B 190 -20.63 12.49 -18.36
N GLU B 191 -20.29 11.21 -18.14
CA GLU B 191 -19.54 10.41 -19.15
C GLU B 191 -20.31 10.39 -20.47
N GLY B 192 -19.66 10.79 -21.56
CA GLY B 192 -20.17 10.78 -22.95
C GLY B 192 -21.26 11.81 -23.19
N ARG B 193 -21.35 12.84 -22.35
CA ARG B 193 -22.17 14.03 -22.63
C ARG B 193 -21.24 15.02 -23.34
N ASP B 194 -21.80 15.79 -24.26
CA ASP B 194 -21.02 16.82 -25.00
C ASP B 194 -21.33 18.22 -24.41
N ASP B 195 -22.23 18.31 -23.44
CA ASP B 195 -22.75 19.58 -22.86
C ASP B 195 -22.17 19.85 -21.46
N VAL B 196 -21.11 19.14 -21.04
CA VAL B 196 -20.53 19.32 -19.68
C VAL B 196 -19.91 20.72 -19.61
N ASN B 197 -20.39 21.55 -18.68
CA ASN B 197 -20.05 22.98 -18.55
C ASN B 197 -19.23 23.17 -17.27
N LEU B 198 -18.81 24.40 -16.96
CA LEU B 198 -17.84 24.71 -15.88
C LEU B 198 -18.50 24.55 -14.51
N GLU B 199 -19.81 24.82 -14.40
CA GLU B 199 -20.60 24.59 -13.16
C GLU B 199 -20.56 23.08 -12.79
N THR B 200 -20.76 22.20 -13.77
CA THR B 200 -20.75 20.73 -13.59
C THR B 200 -19.34 20.29 -13.16
N LEU B 201 -18.32 20.84 -13.82
CA LEU B 201 -16.91 20.49 -13.54
C LEU B 201 -16.57 20.94 -12.11
N HIS B 202 -16.99 22.14 -11.73
CA HIS B 202 -16.76 22.71 -10.38
C HIS B 202 -17.42 21.82 -9.32
N TYR B 203 -18.68 21.40 -9.54
CA TYR B 203 -19.42 20.51 -8.62
C TYR B 203 -18.63 19.21 -8.44
N ILE B 204 -18.30 18.55 -9.55
CA ILE B 204 -17.60 17.23 -9.55
C ILE B 204 -16.34 17.35 -8.70
N HIS B 205 -15.51 18.37 -8.94
CA HIS B 205 -14.15 18.44 -8.31
C HIS B 205 -14.26 18.85 -6.84
N THR B 206 -15.17 19.78 -6.50
CA THR B 206 -15.37 20.21 -5.09
C THR B 206 -15.98 19.06 -4.27
N HIS B 207 -16.73 18.15 -4.89
CA HIS B 207 -17.45 17.05 -4.19
C HIS B 207 -16.65 15.73 -4.27
N LYS B 208 -16.23 15.31 -5.45
CA LYS B 208 -15.51 14.03 -5.65
C LYS B 208 -14.20 14.04 -4.87
N THR B 209 -13.43 15.14 -4.91
CA THR B 209 -12.09 15.25 -4.24
C THR B 209 -12.09 16.33 -3.16
N GLY B 210 -12.76 17.47 -3.37
CA GLY B 210 -12.69 18.60 -2.44
C GLY B 210 -13.25 18.27 -1.05
N ALA B 211 -14.39 17.60 -0.96
CA ALA B 211 -15.14 17.45 0.31
C ALA B 211 -14.28 16.71 1.35
N LEU B 212 -13.54 15.69 0.94
CA LEU B 212 -12.69 14.91 1.87
C LEU B 212 -11.45 15.73 2.27
N LEU B 213 -10.93 16.59 1.37
CA LEU B 213 -9.82 17.53 1.71
C LEU B 213 -10.37 18.54 2.71
N GLU B 214 -11.55 19.11 2.46
CA GLU B 214 -12.16 20.12 3.37
C GLU B 214 -12.27 19.50 4.76
N VAL B 215 -12.83 18.29 4.88
CA VAL B 215 -13.06 17.68 6.21
C VAL B 215 -11.74 17.25 6.84
N SER B 216 -10.71 16.93 6.05
CA SER B 216 -9.35 16.62 6.61
C SER B 216 -8.85 17.80 7.46
N VAL B 217 -8.92 19.03 6.95
CA VAL B 217 -8.42 20.24 7.66
C VAL B 217 -9.45 20.63 8.72
N VAL B 218 -10.74 20.62 8.40
CA VAL B 218 -11.79 21.10 9.35
C VAL B 218 -11.79 20.18 10.58
N SER B 219 -11.68 18.86 10.42
CA SER B 219 -11.76 17.88 11.53
C SER B 219 -10.61 18.15 12.53
N GLY B 220 -9.39 18.35 12.04
CA GLY B 220 -8.22 18.75 12.85
C GLY B 220 -8.52 19.98 13.69
N ALA B 221 -9.09 21.01 13.07
CA ALA B 221 -9.45 22.29 13.72
C ALA B 221 -10.52 22.07 14.79
N ILE B 222 -11.56 21.29 14.49
CA ILE B 222 -12.69 21.02 15.44
C ILE B 222 -12.12 20.34 16.67
N LEU B 223 -11.29 19.30 16.48
CA LEU B 223 -10.68 18.55 17.62
C LEU B 223 -9.90 19.50 18.53
N ALA B 224 -9.24 20.50 17.96
CA ALA B 224 -8.44 21.52 18.68
C ALA B 224 -9.36 22.57 19.32
N GLY B 225 -10.63 22.66 18.90
CA GLY B 225 -11.58 23.65 19.44
C GLY B 225 -11.45 25.00 18.76
N ALA B 226 -11.02 25.02 17.50
CA ALA B 226 -10.88 26.24 16.66
C ALA B 226 -12.23 26.94 16.50
N SER B 227 -12.18 28.25 16.28
CA SER B 227 -13.34 29.11 15.97
C SER B 227 -13.88 28.73 14.57
N GLU B 228 -15.15 29.02 14.34
CA GLU B 228 -15.83 28.88 13.03
C GLU B 228 -15.04 29.64 11.96
N GLU B 229 -14.47 30.79 12.31
CA GLU B 229 -13.69 31.66 11.40
C GLU B 229 -12.45 30.88 10.92
N LEU B 230 -11.68 30.31 11.84
CA LEU B 230 -10.46 29.51 11.51
C LEU B 230 -10.88 28.31 10.65
N GLN B 231 -11.97 27.65 11.02
CA GLN B 231 -12.53 26.48 10.27
C GLN B 231 -12.80 26.87 8.82
N GLU B 232 -13.44 28.03 8.60
CA GLU B 232 -13.80 28.53 7.24
C GLU B 232 -12.53 28.90 6.47
N GLN B 233 -11.52 29.46 7.14
CA GLN B 233 -10.23 29.80 6.49
C GLN B 233 -9.60 28.52 5.96
N LEU B 234 -9.50 27.48 6.79
CA LEU B 234 -8.90 26.17 6.43
C LEU B 234 -9.72 25.48 5.33
N ARG B 235 -11.04 25.52 5.45
CA ARG B 235 -11.95 24.99 4.41
C ARG B 235 -11.64 25.67 3.08
N THR B 236 -11.51 27.00 3.06
CA THR B 236 -11.21 27.79 1.82
C THR B 236 -9.89 27.25 1.27
N TYR B 237 -8.87 27.21 2.10
CA TYR B 237 -7.53 26.70 1.71
C TYR B 237 -7.63 25.32 1.02
N ALA B 238 -8.34 24.38 1.64
CA ALA B 238 -8.41 22.98 1.17
C ALA B 238 -9.18 22.90 -0.16
N GLN B 239 -10.32 23.60 -0.27
CA GLN B 239 -11.08 23.65 -1.54
C GLN B 239 -10.17 24.17 -2.65
N LYS B 240 -9.43 25.26 -2.40
CA LYS B 240 -8.64 25.97 -3.43
C LYS B 240 -7.48 25.08 -3.89
N ILE B 241 -6.76 24.43 -2.97
CA ILE B 241 -5.60 23.56 -3.35
C ILE B 241 -6.14 22.35 -4.10
N GLY B 242 -7.34 21.88 -3.77
CA GLY B 242 -7.97 20.73 -4.45
C GLY B 242 -8.30 21.07 -5.89
N LEU B 243 -8.96 22.21 -6.09
CA LEU B 243 -9.27 22.73 -7.44
C LEU B 243 -7.95 22.98 -8.19
N ALA B 244 -6.98 23.62 -7.57
CA ALA B 244 -5.66 23.94 -8.18
C ALA B 244 -5.04 22.65 -8.71
N PHE B 245 -4.96 21.61 -7.88
CA PHE B 245 -4.40 20.28 -8.26
C PHE B 245 -5.12 19.74 -9.51
N GLN B 246 -6.45 19.87 -9.60
CA GLN B 246 -7.24 19.32 -10.74
C GLN B 246 -6.96 20.13 -12.01
N VAL B 247 -6.93 21.46 -11.91
CA VAL B 247 -6.68 22.35 -13.08
C VAL B 247 -5.29 22.01 -13.63
N ILE B 248 -4.29 21.90 -12.77
CA ILE B 248 -2.88 21.64 -13.19
C ILE B 248 -2.76 20.24 -13.81
N ASP B 249 -3.50 19.25 -13.29
CA ASP B 249 -3.47 17.88 -13.84
C ASP B 249 -4.01 17.91 -15.28
N ASP B 250 -5.11 18.62 -15.50
CA ASP B 250 -5.74 18.76 -16.84
C ASP B 250 -4.74 19.40 -17.82
N ILE B 251 -4.02 20.42 -17.33
CA ILE B 251 -2.98 21.15 -18.11
C ILE B 251 -1.88 20.14 -18.50
N LEU B 252 -1.41 19.35 -17.53
CA LEU B 252 -0.29 18.38 -17.74
C LEU B 252 -0.72 17.26 -18.69
N ASP B 253 -2.01 16.91 -18.77
CA ASP B 253 -2.49 15.85 -19.70
C ASP B 253 -2.35 16.31 -21.15
N ILE B 254 -2.67 17.57 -21.44
CA ILE B 254 -2.60 18.12 -22.83
C ILE B 254 -1.20 18.66 -23.11
N THR B 255 -0.46 19.11 -22.10
CA THR B 255 0.96 19.54 -22.25
C THR B 255 1.79 18.34 -22.70
N ALA B 256 1.43 17.13 -22.25
CA ALA B 256 2.09 15.87 -22.68
C ALA B 256 1.11 15.05 -23.53
N LYS B 272 -13.89 13.10 -25.68
CA LYS B 272 -14.94 14.13 -25.53
C LYS B 272 -14.89 14.81 -24.16
N LYS B 273 -14.15 14.25 -23.17
CA LYS B 273 -14.17 14.68 -21.75
C LYS B 273 -13.90 16.18 -21.65
N ALA B 274 -14.89 16.97 -21.21
CA ALA B 274 -14.74 18.41 -20.92
C ALA B 274 -13.74 18.61 -19.79
N THR B 275 -12.73 19.46 -20.02
CA THR B 275 -11.67 19.78 -19.04
C THR B 275 -11.64 21.30 -18.83
N TYR B 276 -10.84 21.76 -17.88
CA TYR B 276 -10.61 23.22 -17.64
C TYR B 276 -10.02 23.84 -18.90
N PRO B 277 -8.93 23.30 -19.49
CA PRO B 277 -8.43 23.80 -20.78
C PRO B 277 -9.46 23.78 -21.93
N SER B 278 -10.26 22.72 -22.04
CA SER B 278 -11.27 22.59 -23.13
C SER B 278 -12.33 23.70 -23.01
N LEU B 279 -12.59 24.20 -21.79
CA LEU B 279 -13.71 25.14 -21.56
C LEU B 279 -13.20 26.57 -21.37
N LEU B 280 -12.10 26.75 -20.65
CA LEU B 280 -11.48 28.07 -20.33
C LEU B 280 -10.42 28.44 -21.37
N GLY B 281 -9.69 27.45 -21.92
CA GLY B 281 -8.47 27.63 -22.72
C GLY B 281 -7.24 27.49 -21.85
N LEU B 282 -6.11 27.09 -22.46
CA LEU B 282 -4.87 26.70 -21.73
C LEU B 282 -4.40 27.85 -20.83
N ASP B 283 -4.25 29.04 -21.38
CA ASP B 283 -3.62 30.19 -20.67
C ASP B 283 -4.53 30.66 -19.55
N ALA B 284 -5.85 30.66 -19.79
CA ALA B 284 -6.88 30.99 -18.75
C ALA B 284 -6.86 29.93 -17.63
N SER B 285 -6.70 28.65 -17.97
CA SER B 285 -6.58 27.54 -16.99
C SER B 285 -5.37 27.79 -16.09
N ARG B 286 -4.25 28.18 -16.69
CA ARG B 286 -2.98 28.45 -15.94
C ARG B 286 -3.20 29.60 -14.96
N GLU B 287 -3.91 30.64 -15.39
CA GLU B 287 -4.20 31.82 -14.53
C GLU B 287 -5.12 31.38 -13.40
N TYR B 288 -6.11 30.52 -13.69
CA TYR B 288 -7.08 30.00 -12.69
C TYR B 288 -6.33 29.23 -11.60
N ALA B 289 -5.47 28.29 -11.97
CA ALA B 289 -4.59 27.57 -11.03
C ALA B 289 -3.82 28.54 -10.15
N ASP B 290 -3.22 29.60 -10.74
CA ASP B 290 -2.39 30.58 -9.97
C ASP B 290 -3.31 31.36 -9.03
N GLN B 291 -4.49 31.75 -9.50
CA GLN B 291 -5.47 32.51 -8.67
C GLN B 291 -5.91 31.63 -7.49
N LEU B 292 -6.14 30.33 -7.72
CA LEU B 292 -6.58 29.39 -6.66
C LEU B 292 -5.50 29.30 -5.57
N ILE B 293 -4.24 29.11 -5.94
CA ILE B 293 -3.13 28.99 -4.95
C ILE B 293 -2.97 30.31 -4.21
N THR B 294 -3.13 31.44 -4.90
CA THR B 294 -3.07 32.78 -4.27
C THR B 294 -4.17 32.86 -3.20
N GLU B 295 -5.42 32.54 -3.56
CA GLU B 295 -6.57 32.60 -2.62
C GLU B 295 -6.37 31.60 -1.47
N ALA B 296 -5.70 30.47 -1.71
CA ALA B 296 -5.46 29.42 -0.70
C ALA B 296 -4.50 29.97 0.35
N LYS B 297 -3.40 30.58 -0.07
CA LYS B 297 -2.36 31.12 0.87
C LYS B 297 -2.95 32.34 1.58
N ALA B 298 -3.75 33.12 0.89
CA ALA B 298 -4.40 34.33 1.43
C ALA B 298 -5.26 33.91 2.62
N ALA B 299 -5.97 32.79 2.51
CA ALA B 299 -6.88 32.27 3.55
C ALA B 299 -6.12 32.06 4.86
N ILE B 300 -4.83 31.70 4.82
CA ILE B 300 -4.03 31.40 6.04
C ILE B 300 -2.91 32.44 6.23
N ALA B 301 -3.06 33.65 5.69
CA ALA B 301 -1.98 34.66 5.62
C ALA B 301 -1.65 35.17 7.03
N ALA B 302 -2.66 35.25 7.91
CA ALA B 302 -2.55 35.83 9.27
C ALA B 302 -1.64 34.99 10.17
N PHE B 303 -1.43 33.70 9.88
CA PHE B 303 -0.56 32.83 10.72
C PHE B 303 0.89 33.11 10.37
N GLY B 304 1.85 32.43 10.99
CA GLY B 304 3.26 32.76 10.77
C GLY B 304 4.21 31.58 10.78
N ALA B 305 3.81 30.42 11.32
CA ALA B 305 4.78 29.35 11.60
C ALA B 305 4.22 27.98 11.23
N GLU B 306 3.15 27.57 11.91
CA GLU B 306 2.50 26.27 11.66
C GLU B 306 1.72 26.34 10.33
N ALA B 307 1.62 27.52 9.70
CA ALA B 307 0.99 27.66 8.37
C ALA B 307 2.02 27.39 7.28
N ASP B 308 3.30 27.37 7.62
CA ASP B 308 4.39 27.19 6.62
C ASP B 308 4.23 25.85 5.92
N PRO B 309 4.02 24.70 6.61
CA PRO B 309 3.78 23.43 5.90
C PRO B 309 2.58 23.54 4.92
N LEU B 310 1.50 24.19 5.31
CA LEU B 310 0.32 24.33 4.42
C LEU B 310 0.68 25.25 3.25
N ARG B 311 1.45 26.31 3.49
CA ARG B 311 1.93 27.24 2.43
C ARG B 311 2.79 26.45 1.43
N ALA B 312 3.69 25.61 1.92
CA ALA B 312 4.60 24.79 1.09
C ALA B 312 3.80 23.85 0.20
N ILE B 313 2.74 23.22 0.73
CA ILE B 313 1.91 22.26 -0.05
C ILE B 313 1.21 23.02 -1.19
N ALA B 314 0.68 24.21 -0.93
CA ALA B 314 0.12 25.11 -1.97
C ALA B 314 1.18 25.37 -3.05
N ASP B 315 2.38 25.81 -2.66
CA ASP B 315 3.51 26.12 -3.58
C ASP B 315 3.82 24.90 -4.46
N TYR B 316 3.90 23.71 -3.83
CA TYR B 316 4.29 22.45 -4.52
C TYR B 316 3.35 22.21 -5.69
N ILE B 317 2.06 22.45 -5.48
CA ILE B 317 1.00 22.14 -6.48
C ILE B 317 1.29 22.98 -7.72
N THR B 318 1.57 24.28 -7.57
CA THR B 318 1.75 25.20 -8.74
C THR B 318 3.01 24.81 -9.51
N ALA B 319 4.10 24.46 -8.81
CA ALA B 319 5.34 23.94 -9.43
C ALA B 319 5.06 22.80 -10.43
N ASP C 31 -5.55 -29.86 -15.96
CA ASP C 31 -5.23 -29.15 -17.22
C ASP C 31 -4.05 -28.20 -16.98
N LEU C 32 -2.82 -28.70 -17.12
CA LEU C 32 -1.57 -27.89 -17.00
C LEU C 32 -1.57 -26.78 -18.06
N LYS C 33 -1.86 -27.11 -19.32
CA LYS C 33 -1.79 -26.12 -20.44
C LYS C 33 -2.61 -24.89 -20.06
N SER C 34 -3.80 -25.13 -19.48
CA SER C 34 -4.80 -24.08 -19.19
C SER C 34 -4.36 -23.27 -17.95
N TYR C 35 -3.85 -23.95 -16.92
CA TYR C 35 -3.30 -23.33 -15.68
C TYR C 35 -2.13 -22.41 -16.06
N LEU C 36 -1.19 -22.93 -16.86
CA LEU C 36 0.04 -22.20 -17.29
C LEU C 36 -0.35 -20.98 -18.13
N LYS C 37 -1.31 -21.10 -19.04
CA LYS C 37 -1.70 -19.99 -19.95
C LYS C 37 -2.27 -18.85 -19.10
N GLU C 38 -3.06 -19.17 -18.06
CA GLU C 38 -3.74 -18.17 -17.19
C GLU C 38 -2.67 -17.44 -16.36
N ARG C 39 -1.84 -18.23 -15.67
CA ARG C 39 -0.75 -17.71 -14.80
C ARG C 39 0.27 -16.90 -15.64
N GLN C 40 0.61 -17.33 -16.86
CA GLN C 40 1.50 -16.57 -17.77
C GLN C 40 0.91 -15.17 -18.04
N ARG C 41 -0.38 -15.11 -18.40
CA ARG C 41 -1.10 -13.84 -18.64
C ARG C 41 -0.96 -12.94 -17.40
N GLN C 42 -1.18 -13.50 -16.21
CA GLN C 42 -1.19 -12.73 -14.93
C GLN C 42 0.21 -12.19 -14.67
N VAL C 43 1.24 -13.01 -14.83
CA VAL C 43 2.66 -12.62 -14.55
C VAL C 43 3.05 -11.52 -15.56
N GLU C 44 2.70 -11.66 -16.83
CA GLU C 44 3.09 -10.66 -17.88
C GLU C 44 2.43 -9.32 -17.57
N ALA C 45 1.20 -9.33 -17.06
CA ALA C 45 0.44 -8.11 -16.71
C ALA C 45 1.12 -7.46 -15.50
N ALA C 46 1.52 -8.25 -14.50
CA ALA C 46 2.25 -7.82 -13.29
C ALA C 46 3.60 -7.19 -13.68
N LEU C 47 4.38 -7.87 -14.54
CA LEU C 47 5.72 -7.39 -14.99
C LEU C 47 5.56 -6.04 -15.66
N ASN C 48 4.59 -5.91 -16.57
CA ASN C 48 4.36 -4.66 -17.35
C ASN C 48 4.01 -3.51 -16.38
N ALA C 49 3.23 -3.79 -15.33
CA ALA C 49 2.76 -2.78 -14.36
C ALA C 49 3.88 -2.41 -13.38
N ILE C 50 4.69 -3.38 -12.94
CA ILE C 50 5.70 -3.16 -11.86
C ILE C 50 6.91 -2.41 -12.43
N LEU C 51 7.12 -2.45 -13.75
CA LEU C 51 8.24 -1.75 -14.43
C LEU C 51 7.70 -0.95 -15.61
N PRO C 52 6.97 0.15 -15.35
CA PRO C 52 6.45 1.01 -16.42
C PRO C 52 7.56 1.82 -17.10
N PRO C 53 7.33 2.30 -18.34
CA PRO C 53 8.25 3.25 -18.99
C PRO C 53 8.46 4.49 -18.11
N GLN C 54 9.73 4.87 -17.90
CA GLN C 54 10.16 5.98 -17.01
C GLN C 54 11.37 6.68 -17.62
N ASP C 55 11.90 7.71 -16.96
CA ASP C 55 13.10 8.45 -17.43
C ASP C 55 14.31 7.95 -16.65
N PRO C 56 15.51 7.83 -17.28
CA PRO C 56 15.67 8.04 -18.73
C PRO C 56 15.01 6.96 -19.60
N PRO C 57 14.28 7.35 -20.65
CA PRO C 57 13.44 6.40 -21.40
C PRO C 57 14.19 5.18 -21.97
N LEU C 58 15.42 5.37 -22.46
CA LEU C 58 16.18 4.30 -23.18
C LEU C 58 16.43 3.10 -22.25
N ILE C 59 16.82 3.32 -21.00
CA ILE C 59 17.20 2.19 -20.10
C ILE C 59 15.94 1.39 -19.76
N TYR C 60 14.81 2.05 -19.49
CA TYR C 60 13.53 1.36 -19.22
C TYR C 60 13.07 0.60 -20.45
N GLU C 61 13.28 1.16 -21.64
CA GLU C 61 12.84 0.53 -22.90
C GLU C 61 13.63 -0.77 -23.11
N SER C 62 14.95 -0.73 -22.91
CA SER C 62 15.86 -1.89 -23.05
C SER C 62 15.44 -2.98 -22.05
N MET C 63 15.21 -2.58 -20.80
CA MET C 63 14.84 -3.52 -19.71
C MET C 63 13.54 -4.25 -20.10
N ARG C 64 12.53 -3.48 -20.52
CA ARG C 64 11.18 -4.01 -20.83
C ARG C 64 11.27 -4.87 -22.10
N TYR C 65 12.10 -4.46 -23.07
CA TYR C 65 12.30 -5.20 -24.35
C TYR C 65 12.63 -6.67 -24.04
N SER C 66 13.53 -6.93 -23.09
CA SER C 66 13.95 -8.31 -22.74
C SER C 66 12.97 -8.93 -21.74
N LEU C 67 12.51 -8.15 -20.75
CA LEU C 67 11.64 -8.68 -19.67
C LEU C 67 10.27 -9.13 -20.23
N LEU C 68 9.68 -8.37 -21.17
CA LEU C 68 8.28 -8.59 -21.63
C LEU C 68 8.26 -9.40 -22.93
N ALA C 69 9.40 -9.89 -23.40
CA ALA C 69 9.52 -10.85 -24.52
C ALA C 69 8.82 -12.16 -24.16
N GLU C 70 8.36 -12.91 -25.16
CA GLU C 70 7.66 -14.21 -25.01
C GLU C 70 8.51 -15.14 -24.13
N GLY C 71 7.89 -15.72 -23.08
CA GLY C 71 8.57 -16.62 -22.13
C GLY C 71 7.58 -17.50 -21.38
N LYS C 72 8.02 -18.66 -20.88
CA LYS C 72 7.17 -19.64 -20.16
C LYS C 72 6.86 -19.11 -18.74
N ARG C 73 7.72 -18.25 -18.19
CA ARG C 73 7.55 -17.66 -16.84
C ARG C 73 7.47 -18.76 -15.78
N LEU C 74 8.21 -19.87 -15.93
CA LEU C 74 8.13 -21.03 -15.01
C LEU C 74 8.53 -20.60 -13.58
N ARG C 75 9.51 -19.72 -13.44
CA ARG C 75 10.07 -19.37 -12.11
C ARG C 75 9.05 -18.58 -11.30
N PRO C 76 8.48 -17.48 -11.82
CA PRO C 76 7.39 -16.78 -11.12
C PRO C 76 6.20 -17.71 -10.83
N ILE C 77 5.82 -18.54 -11.80
CA ILE C 77 4.69 -19.50 -11.65
C ILE C 77 5.00 -20.46 -10.47
N LEU C 78 6.22 -20.97 -10.37
CA LEU C 78 6.61 -21.90 -9.27
C LEU C 78 6.53 -21.15 -7.93
N CYS C 79 6.93 -19.88 -7.90
CA CYS C 79 6.88 -19.01 -6.70
C CYS C 79 5.43 -18.86 -6.23
N LEU C 80 4.52 -18.47 -7.12
CA LEU C 80 3.09 -18.26 -6.78
C LEU C 80 2.47 -19.60 -6.31
N ALA C 81 2.79 -20.70 -6.98
CA ALA C 81 2.24 -22.05 -6.69
C ALA C 81 2.74 -22.54 -5.33
N SER C 82 4.01 -22.30 -4.99
CA SER C 82 4.62 -22.72 -3.70
C SER C 82 3.99 -21.92 -2.55
N CYS C 83 3.80 -20.61 -2.74
CA CYS C 83 3.13 -19.71 -1.76
C CYS C 83 1.74 -20.27 -1.44
N GLU C 84 0.93 -20.51 -2.49
CA GLU C 84 -0.47 -21.00 -2.39
C GLU C 84 -0.48 -22.35 -1.66
N LEU C 85 0.39 -23.28 -2.07
CA LEU C 85 0.49 -24.63 -1.48
C LEU C 85 0.78 -24.52 0.03
N ALA C 86 1.59 -23.54 0.44
CA ALA C 86 1.99 -23.31 1.85
C ALA C 86 0.98 -22.40 2.57
N GLY C 87 -0.14 -22.07 1.94
CA GLY C 87 -1.28 -21.39 2.60
C GLY C 87 -1.29 -19.89 2.37
N GLY C 88 -0.34 -19.35 1.60
CA GLY C 88 -0.27 -17.90 1.32
C GLY C 88 -1.19 -17.51 0.19
N THR C 89 -1.31 -16.22 -0.09
CA THR C 89 -2.01 -15.69 -1.30
C THR C 89 -0.96 -15.36 -2.38
N ALA C 90 -1.39 -15.41 -3.65
CA ALA C 90 -0.60 -14.98 -4.81
C ALA C 90 -0.08 -13.55 -4.57
N ALA C 91 -0.94 -12.68 -4.03
CA ALA C 91 -0.68 -11.23 -3.84
C ALA C 91 0.59 -10.95 -3.04
N ILE C 92 0.86 -11.73 -1.99
CA ILE C 92 2.01 -11.46 -1.08
C ILE C 92 3.32 -11.86 -1.78
N ALA C 93 3.24 -12.74 -2.78
CA ALA C 93 4.40 -13.36 -3.48
C ALA C 93 4.66 -12.74 -4.86
N LEU C 94 3.78 -11.88 -5.36
CA LEU C 94 3.81 -11.42 -6.77
C LEU C 94 5.04 -10.54 -7.01
N PRO C 95 5.40 -9.59 -6.11
CA PRO C 95 6.66 -8.85 -6.27
C PRO C 95 7.87 -9.79 -6.39
N THR C 96 8.02 -10.78 -5.49
CA THR C 96 9.09 -11.81 -5.57
C THR C 96 9.00 -12.59 -6.89
N ALA C 97 7.79 -13.02 -7.28
CA ALA C 97 7.56 -13.72 -8.57
C ALA C 97 8.17 -12.89 -9.71
N CYS C 98 7.83 -11.59 -9.77
CA CYS C 98 8.32 -10.64 -10.80
C CYS C 98 9.85 -10.54 -10.70
N ALA C 99 10.37 -10.48 -9.47
CA ALA C 99 11.81 -10.35 -9.19
C ALA C 99 12.56 -11.56 -9.80
N LEU C 100 12.00 -12.77 -9.65
CA LEU C 100 12.66 -14.00 -10.13
C LEU C 100 12.81 -13.90 -11.65
N GLU C 101 11.79 -13.37 -12.33
CA GLU C 101 11.80 -13.22 -13.81
C GLU C 101 12.83 -12.17 -14.21
N MET C 102 12.97 -11.10 -13.41
CA MET C 102 13.92 -9.99 -13.69
C MET C 102 15.36 -10.53 -13.64
N VAL C 103 15.66 -11.36 -12.64
CA VAL C 103 17.00 -11.98 -12.44
C VAL C 103 17.26 -12.96 -13.60
N HIS C 104 16.27 -13.79 -13.93
CA HIS C 104 16.34 -14.73 -15.07
C HIS C 104 16.65 -13.91 -16.33
N THR C 105 15.90 -12.83 -16.55
CA THR C 105 16.03 -11.94 -17.74
C THR C 105 17.44 -11.33 -17.78
N MET C 106 17.97 -10.83 -16.66
CA MET C 106 19.32 -10.23 -16.66
C MET C 106 20.36 -11.30 -17.04
N SER C 107 20.23 -12.55 -16.58
CA SER C 107 21.20 -13.63 -16.93
C SER C 107 21.16 -13.87 -18.45
N LEU C 108 19.98 -13.87 -19.08
CA LEU C 108 19.86 -14.07 -20.55
C LEU C 108 20.50 -12.89 -21.27
N ILE C 109 20.21 -11.65 -20.86
CA ILE C 109 20.78 -10.43 -21.51
C ILE C 109 22.31 -10.57 -21.53
N HIS C 110 22.90 -10.91 -20.39
CA HIS C 110 24.39 -10.99 -20.26
C HIS C 110 24.91 -12.18 -21.05
N ASP C 111 24.22 -13.32 -21.07
CA ASP C 111 24.65 -14.52 -21.84
C ASP C 111 24.70 -14.22 -23.34
N ASP C 112 23.74 -13.46 -23.84
CA ASP C 112 23.66 -13.19 -25.31
C ASP C 112 24.84 -12.32 -25.76
N LEU C 113 25.55 -11.64 -24.85
CA LEU C 113 26.59 -10.66 -25.24
C LEU C 113 27.68 -11.34 -26.07
N PRO C 114 28.30 -10.63 -27.05
CA PRO C 114 29.41 -11.17 -27.83
C PRO C 114 30.57 -11.77 -27.00
N SER C 115 30.82 -11.20 -25.82
CA SER C 115 31.83 -11.66 -24.84
C SER C 115 31.48 -13.05 -24.29
N MET C 116 30.21 -13.44 -24.33
CA MET C 116 29.68 -14.69 -23.70
C MET C 116 29.25 -15.67 -24.80
N ASP C 117 27.95 -15.85 -25.08
CA ASP C 117 27.48 -16.84 -26.08
C ASP C 117 27.35 -16.20 -27.47
N ASN C 118 27.37 -14.87 -27.57
CA ASN C 118 27.32 -14.12 -28.86
C ASN C 118 26.09 -14.56 -29.66
N ASP C 119 24.89 -14.38 -29.12
CA ASP C 119 23.61 -14.77 -29.79
C ASP C 119 22.93 -13.50 -30.31
N ASP C 120 22.58 -13.50 -31.59
CA ASP C 120 22.00 -12.32 -32.27
C ASP C 120 20.47 -12.44 -32.23
N PHE C 121 19.92 -13.60 -31.84
CA PHE C 121 18.46 -13.88 -31.79
C PHE C 121 18.14 -14.64 -30.51
N ARG C 122 16.95 -14.37 -29.96
CA ARG C 122 16.43 -15.01 -28.73
C ARG C 122 14.93 -15.19 -28.93
N ARG C 123 14.43 -16.43 -28.86
CA ARG C 123 13.00 -16.78 -29.11
C ARG C 123 12.54 -16.08 -30.41
N GLY C 124 13.39 -16.05 -31.44
CA GLY C 124 13.06 -15.51 -32.78
C GLY C 124 13.26 -14.01 -32.94
N ARG C 125 13.41 -13.23 -31.86
CA ARG C 125 13.56 -11.74 -31.92
C ARG C 125 15.01 -11.35 -31.67
N PRO C 126 15.51 -10.19 -32.16
CA PRO C 126 16.88 -9.77 -31.89
C PRO C 126 17.17 -9.65 -30.38
N THR C 127 18.41 -9.93 -29.99
CA THR C 127 18.87 -9.83 -28.58
C THR C 127 19.04 -8.36 -28.22
N ASN C 128 19.04 -8.08 -26.92
CA ASN C 128 19.09 -6.71 -26.35
C ASN C 128 20.26 -5.94 -26.99
N HIS C 129 21.43 -6.56 -27.07
CA HIS C 129 22.67 -5.84 -27.48
C HIS C 129 22.61 -5.51 -28.98
N LYS C 130 21.93 -6.33 -29.79
CA LYS C 130 21.80 -6.12 -31.25
C LYS C 130 20.92 -4.90 -31.50
N VAL C 131 19.99 -4.59 -30.59
CA VAL C 131 19.04 -3.45 -30.72
C VAL C 131 19.59 -2.20 -30.05
N TYR C 132 20.17 -2.30 -28.85
CA TYR C 132 20.49 -1.12 -28.00
C TYR C 132 22.01 -0.91 -27.87
N GLY C 133 22.83 -1.84 -28.35
CA GLY C 133 24.29 -1.83 -28.09
C GLY C 133 24.65 -2.65 -26.85
N GLU C 134 25.89 -3.11 -26.78
CA GLU C 134 26.39 -3.97 -25.69
C GLU C 134 26.40 -3.18 -24.38
N ASP C 135 26.74 -1.89 -24.44
CA ASP C 135 26.82 -1.02 -23.23
C ASP C 135 25.43 -0.92 -22.57
N ILE C 136 24.40 -0.57 -23.34
CA ILE C 136 23.00 -0.46 -22.80
C ILE C 136 22.55 -1.84 -22.29
N ALA C 137 22.88 -2.91 -23.01
CA ALA C 137 22.46 -4.28 -22.66
C ALA C 137 23.04 -4.65 -21.30
N ILE C 138 24.35 -4.45 -21.09
CA ILE C 138 25.04 -4.69 -19.80
C ILE C 138 24.31 -3.92 -18.69
N LEU C 139 24.05 -2.63 -18.92
CA LEU C 139 23.41 -1.74 -17.91
C LEU C 139 21.96 -2.18 -17.66
N ALA C 140 21.23 -2.62 -18.69
CA ALA C 140 19.82 -3.07 -18.57
C ALA C 140 19.80 -4.30 -17.66
N GLY C 141 20.74 -5.23 -17.86
CA GLY C 141 20.94 -6.40 -17.00
C GLY C 141 21.21 -5.99 -15.56
N ASP C 142 22.15 -5.07 -15.34
CA ASP C 142 22.52 -4.57 -14.00
C ASP C 142 21.27 -3.95 -13.32
N ALA C 143 20.50 -3.14 -14.06
CA ALA C 143 19.33 -2.43 -13.51
C ALA C 143 18.20 -3.41 -13.18
N LEU C 144 18.06 -4.51 -13.94
CA LEU C 144 17.01 -5.54 -13.68
C LEU C 144 17.38 -6.35 -12.44
N LEU C 145 18.66 -6.70 -12.29
CA LEU C 145 19.15 -7.44 -11.09
C LEU C 145 18.87 -6.59 -9.85
N THR C 146 19.16 -5.28 -9.88
CA THR C 146 18.93 -4.39 -8.72
C THR C 146 17.42 -4.23 -8.50
N TYR C 147 16.62 -4.06 -9.55
CA TYR C 147 15.17 -3.81 -9.39
C TYR C 147 14.50 -5.03 -8.75
N ALA C 148 15.00 -6.24 -9.03
CA ALA C 148 14.53 -7.49 -8.40
C ALA C 148 14.51 -7.30 -6.87
N PHE C 149 15.65 -6.89 -6.30
CA PHE C 149 15.82 -6.68 -4.84
C PHE C 149 14.94 -5.50 -4.37
N GLU C 150 14.82 -4.44 -5.17
CA GLU C 150 14.01 -3.26 -4.80
C GLU C 150 12.55 -3.71 -4.68
N ALA C 151 12.03 -4.44 -5.68
CA ALA C 151 10.62 -4.87 -5.75
C ALA C 151 10.29 -5.71 -4.50
N ILE C 152 11.15 -6.67 -4.15
CA ILE C 152 10.92 -7.56 -2.97
C ILE C 152 10.87 -6.69 -1.71
N ALA C 153 11.89 -5.86 -1.49
CA ALA C 153 12.08 -5.09 -0.24
C ALA C 153 10.98 -4.02 -0.08
N ARG C 154 10.59 -3.39 -1.18
CA ARG C 154 9.74 -2.17 -1.14
C ARG C 154 8.25 -2.55 -1.19
N HIS C 155 7.85 -3.56 -1.97
CA HIS C 155 6.44 -3.76 -2.39
C HIS C 155 5.81 -5.05 -1.84
N THR C 156 6.58 -5.92 -1.19
CA THR C 156 6.04 -7.17 -0.61
C THR C 156 5.06 -6.79 0.48
N PRO C 157 3.74 -7.11 0.32
CA PRO C 157 2.73 -6.73 1.29
C PRO C 157 2.49 -7.78 2.41
N GLU C 158 2.14 -7.30 3.61
CA GLU C 158 1.69 -8.05 4.82
C GLU C 158 2.86 -8.77 5.49
N VAL C 159 3.67 -9.48 4.72
CA VAL C 159 4.70 -10.43 5.25
C VAL C 159 5.60 -9.65 6.21
N PRO C 160 5.88 -10.16 7.42
CA PRO C 160 6.83 -9.50 8.31
C PRO C 160 8.22 -9.37 7.67
N ALA C 161 8.90 -8.25 7.98
CA ALA C 161 10.21 -7.83 7.44
C ALA C 161 11.25 -8.96 7.55
N ASP C 162 11.30 -9.70 8.66
CA ASP C 162 12.36 -10.72 8.89
C ASP C 162 12.26 -11.79 7.79
N ARG C 163 11.06 -12.17 7.36
CA ARG C 163 10.82 -13.21 6.33
C ARG C 163 11.19 -12.65 4.95
N VAL C 164 10.87 -11.38 4.68
CA VAL C 164 11.20 -10.67 3.42
C VAL C 164 12.74 -10.62 3.30
N LEU C 165 13.45 -10.34 4.41
CA LEU C 165 14.94 -10.33 4.47
C LEU C 165 15.50 -11.71 4.10
N LYS C 166 14.91 -12.79 4.62
CA LYS C 166 15.35 -14.18 4.33
C LYS C 166 15.23 -14.43 2.81
N VAL C 167 14.18 -13.93 2.17
CA VAL C 167 13.99 -14.05 0.69
C VAL C 167 15.13 -13.29 -0.01
N ILE C 168 15.38 -12.03 0.37
CA ILE C 168 16.49 -11.20 -0.20
C ILE C 168 17.80 -12.02 -0.13
N ALA C 169 18.13 -12.56 1.04
CA ALA C 169 19.38 -13.31 1.28
C ALA C 169 19.40 -14.54 0.36
N ALA C 170 18.28 -15.28 0.30
CA ALA C 170 18.17 -16.55 -0.45
C ALA C 170 18.37 -16.27 -1.94
N LEU C 171 17.74 -15.21 -2.44
CA LEU C 171 17.82 -14.85 -3.88
C LEU C 171 19.26 -14.42 -4.21
N ALA C 172 19.87 -13.61 -3.34
CA ALA C 172 21.26 -13.14 -3.55
C ALA C 172 22.19 -14.35 -3.61
N ARG C 173 22.06 -15.30 -2.67
CA ARG C 173 22.92 -16.51 -2.62
C ARG C 173 22.75 -17.30 -3.92
N ALA C 174 21.51 -17.43 -4.40
CA ALA C 174 21.10 -18.27 -5.56
C ALA C 174 21.67 -17.74 -6.87
N VAL C 175 21.74 -16.41 -7.01
CA VAL C 175 22.11 -15.70 -8.27
C VAL C 175 23.64 -15.53 -8.37
N GLY C 176 24.32 -15.39 -7.24
CA GLY C 176 25.75 -15.01 -7.16
C GLY C 176 26.71 -16.19 -7.36
N ALA C 177 27.92 -16.04 -6.84
CA ALA C 177 29.06 -16.97 -7.06
C ALA C 177 28.78 -18.34 -6.44
N GLU C 178 27.91 -18.44 -5.43
CA GLU C 178 27.49 -19.75 -4.83
C GLU C 178 26.39 -20.42 -5.66
N GLY C 179 25.88 -19.77 -6.71
CA GLY C 179 24.71 -20.29 -7.47
C GLY C 179 24.89 -20.05 -8.95
N LEU C 180 23.98 -19.29 -9.57
CA LEU C 180 23.92 -19.09 -11.03
C LEU C 180 25.33 -18.74 -11.55
N VAL C 181 25.98 -17.70 -11.02
CA VAL C 181 27.28 -17.22 -11.56
C VAL C 181 28.34 -18.33 -11.43
N GLY C 182 28.39 -19.04 -10.29
CA GLY C 182 29.32 -20.17 -10.07
C GLY C 182 29.17 -21.21 -11.17
N GLY C 183 27.93 -21.60 -11.45
CA GLY C 183 27.56 -22.54 -12.54
C GLY C 183 28.04 -22.04 -13.89
N GLN C 184 27.76 -20.77 -14.23
CA GLN C 184 28.22 -20.14 -15.50
C GLN C 184 29.74 -20.26 -15.60
N VAL C 185 30.47 -20.05 -14.50
CA VAL C 185 31.96 -19.94 -14.50
C VAL C 185 32.56 -21.33 -14.75
N VAL C 186 32.10 -22.36 -14.03
CA VAL C 186 32.58 -23.76 -14.24
C VAL C 186 32.24 -24.21 -15.66
N ASP C 187 31.05 -23.86 -16.17
CA ASP C 187 30.64 -24.17 -17.57
C ASP C 187 31.63 -23.51 -18.55
N LEU C 188 31.97 -22.23 -18.40
CA LEU C 188 32.94 -21.50 -19.29
C LEU C 188 34.30 -22.21 -19.27
N GLN C 189 34.75 -22.61 -18.08
CA GLN C 189 36.06 -23.29 -17.88
C GLN C 189 36.04 -24.68 -18.53
N SER C 190 34.86 -25.27 -18.71
CA SER C 190 34.65 -26.55 -19.42
C SER C 190 34.48 -26.22 -20.91
N ASP C 195 38.04 -34.17 -20.27
CA ASP C 195 38.07 -34.73 -18.88
C ASP C 195 36.86 -34.25 -18.06
N VAL C 196 35.81 -33.73 -18.71
CA VAL C 196 34.55 -33.32 -18.02
C VAL C 196 33.92 -34.58 -17.40
N ASN C 197 33.76 -34.59 -16.08
CA ASN C 197 33.26 -35.75 -15.30
C ASN C 197 31.81 -35.49 -14.86
N LEU C 198 31.17 -36.48 -14.24
CA LEU C 198 29.72 -36.42 -13.84
C LEU C 198 29.53 -35.45 -12.66
N GLU C 199 30.53 -35.35 -11.78
CA GLU C 199 30.56 -34.39 -10.65
C GLU C 199 30.50 -32.96 -11.21
N THR C 200 31.31 -32.65 -12.22
CA THR C 200 31.37 -31.32 -12.89
C THR C 200 30.02 -31.02 -13.52
N LEU C 201 29.44 -32.00 -14.22
CA LEU C 201 28.15 -31.84 -14.92
C LEU C 201 27.05 -31.56 -13.89
N HIS C 202 27.06 -32.32 -12.78
CA HIS C 202 26.08 -32.16 -11.67
C HIS C 202 26.19 -30.74 -11.08
N TYR C 203 27.41 -30.27 -10.81
CA TYR C 203 27.68 -28.92 -10.26
C TYR C 203 27.09 -27.87 -11.21
N ILE C 204 27.46 -27.93 -12.49
CA ILE C 204 27.01 -26.95 -13.52
C ILE C 204 25.49 -26.85 -13.49
N HIS C 205 24.78 -27.97 -13.54
CA HIS C 205 23.29 -27.97 -13.71
C HIS C 205 22.60 -27.55 -12.41
N THR C 206 23.08 -28.00 -11.24
CA THR C 206 22.49 -27.62 -9.93
C THR C 206 22.73 -26.12 -9.65
N HIS C 207 23.79 -25.52 -10.21
CA HIS C 207 24.18 -24.11 -9.95
C HIS C 207 23.67 -23.20 -11.08
N LYS C 208 23.96 -23.52 -12.34
CA LYS C 208 23.58 -22.66 -13.50
C LYS C 208 22.06 -22.53 -13.57
N THR C 209 21.30 -23.62 -13.39
CA THR C 209 19.80 -23.62 -13.49
C THR C 209 19.13 -24.00 -12.16
N GLY C 210 19.69 -24.94 -11.40
CA GLY C 210 19.03 -25.47 -10.19
C GLY C 210 18.78 -24.41 -9.12
N ALA C 211 19.79 -23.59 -8.83
CA ALA C 211 19.78 -22.66 -7.67
C ALA C 211 18.57 -21.71 -7.75
N LEU C 212 18.31 -21.18 -8.94
CA LEU C 212 17.22 -20.20 -9.18
C LEU C 212 15.86 -20.92 -9.11
N LEU C 213 15.77 -22.18 -9.55
CA LEU C 213 14.53 -23.00 -9.41
C LEU C 213 14.28 -23.26 -7.93
N GLU C 214 15.33 -23.63 -7.18
CA GLU C 214 15.20 -23.91 -5.72
C GLU C 214 14.63 -22.67 -5.04
N VAL C 215 15.22 -21.50 -5.29
CA VAL C 215 14.80 -20.25 -4.59
C VAL C 215 13.41 -19.81 -5.08
N SER C 216 13.02 -20.13 -6.32
CA SER C 216 11.65 -19.82 -6.82
C SER C 216 10.60 -20.46 -5.90
N VAL C 217 10.74 -21.76 -5.57
CA VAL C 217 9.74 -22.49 -4.73
C VAL C 217 9.96 -22.10 -3.26
N VAL C 218 11.21 -22.02 -2.80
CA VAL C 218 11.50 -21.77 -1.37
C VAL C 218 10.97 -20.37 -1.00
N SER C 219 11.18 -19.36 -1.85
CA SER C 219 10.80 -17.95 -1.57
C SER C 219 9.27 -17.87 -1.35
N GLY C 220 8.48 -18.48 -2.24
CA GLY C 220 7.01 -18.58 -2.08
C GLY C 220 6.63 -19.14 -0.72
N ALA C 221 7.26 -20.24 -0.31
CA ALA C 221 7.01 -20.92 0.98
C ALA C 221 7.37 -20.00 2.15
N ILE C 222 8.54 -19.34 2.09
CA ILE C 222 9.03 -18.44 3.18
C ILE C 222 8.01 -17.32 3.37
N LEU C 223 7.58 -16.67 2.28
CA LEU C 223 6.63 -15.53 2.35
C LEU C 223 5.34 -15.98 3.05
N ALA C 224 4.89 -17.22 2.81
CA ALA C 224 3.67 -17.82 3.39
C ALA C 224 3.92 -18.19 4.86
N GLY C 225 5.18 -18.32 5.29
CA GLY C 225 5.52 -18.72 6.67
C GLY C 225 5.48 -20.21 6.83
N ALA C 226 5.81 -20.97 5.78
CA ALA C 226 5.98 -22.43 5.80
C ALA C 226 7.08 -22.81 6.80
N SER C 227 6.99 -24.02 7.35
CA SER C 227 8.03 -24.64 8.22
C SER C 227 9.28 -24.93 7.38
N GLU C 228 10.44 -25.02 8.03
CA GLU C 228 11.72 -25.44 7.42
C GLU C 228 11.54 -26.79 6.71
N GLU C 229 10.73 -27.69 7.28
CA GLU C 229 10.43 -29.04 6.71
C GLU C 229 9.78 -28.89 5.33
N LEU C 230 8.71 -28.09 5.24
CA LEU C 230 8.00 -27.84 3.95
C LEU C 230 8.98 -27.19 2.96
N GLN C 231 9.78 -26.23 3.42
CA GLN C 231 10.79 -25.52 2.59
C GLN C 231 11.76 -26.54 1.98
N GLU C 232 12.25 -27.50 2.77
CA GLU C 232 13.23 -28.53 2.33
C GLU C 232 12.54 -29.50 1.36
N GLN C 233 11.27 -29.82 1.58
CA GLN C 233 10.50 -30.69 0.66
C GLN C 233 10.44 -30.00 -0.72
N LEU C 234 10.07 -28.72 -0.76
CA LEU C 234 9.94 -27.93 -2.02
C LEU C 234 11.31 -27.77 -2.69
N ARG C 235 12.35 -27.49 -1.90
CA ARG C 235 13.75 -27.45 -2.40
C ARG C 235 14.08 -28.76 -3.12
N THR C 236 13.79 -29.91 -2.48
CA THR C 236 14.07 -31.25 -3.05
C THR C 236 13.34 -31.33 -4.40
N TYR C 237 12.04 -31.04 -4.40
CA TYR C 237 11.19 -31.09 -5.62
C TYR C 237 11.83 -30.28 -6.76
N ALA C 238 12.25 -29.05 -6.48
CA ALA C 238 12.76 -28.09 -7.49
C ALA C 238 14.11 -28.57 -8.05
N GLN C 239 15.02 -29.02 -7.18
CA GLN C 239 16.34 -29.56 -7.62
C GLN C 239 16.07 -30.74 -8.56
N LYS C 240 15.16 -31.65 -8.20
CA LYS C 240 14.94 -32.92 -8.94
C LYS C 240 14.35 -32.60 -10.32
N ILE C 241 13.33 -31.74 -10.39
CA ILE C 241 12.66 -31.41 -11.68
C ILE C 241 13.66 -30.65 -12.57
N GLY C 242 14.56 -29.87 -11.97
CA GLY C 242 15.59 -29.11 -12.71
C GLY C 242 16.60 -30.04 -13.35
N LEU C 243 17.12 -30.98 -12.57
CA LEU C 243 18.04 -32.03 -13.08
C LEU C 243 17.30 -32.86 -14.14
N ALA C 244 16.06 -33.29 -13.86
CA ALA C 244 15.24 -34.10 -14.81
C ALA C 244 15.15 -33.36 -16.15
N PHE C 245 14.79 -32.09 -16.15
CA PHE C 245 14.67 -31.24 -17.37
C PHE C 245 15.99 -31.27 -18.15
N GLN C 246 17.15 -31.16 -17.47
CA GLN C 246 18.49 -31.12 -18.14
C GLN C 246 18.81 -32.49 -18.75
N VAL C 247 18.56 -33.59 -18.04
CA VAL C 247 18.72 -34.97 -18.59
C VAL C 247 17.81 -35.12 -19.81
N LYS D 33 43.74 12.59 8.03
CA LYS D 33 44.73 11.64 7.44
C LYS D 33 44.87 10.42 8.35
N SER D 34 44.93 10.65 9.67
CA SER D 34 45.11 9.62 10.72
C SER D 34 43.82 8.80 10.86
N TYR D 35 42.67 9.49 10.89
CA TYR D 35 41.32 8.86 10.99
C TYR D 35 41.11 7.96 9.76
N LEU D 36 41.36 8.49 8.56
CA LEU D 36 41.19 7.77 7.27
C LEU D 36 42.12 6.55 7.23
N LYS D 37 43.37 6.66 7.66
CA LYS D 37 44.35 5.54 7.58
C LYS D 37 43.86 4.39 8.47
N GLU D 38 43.30 4.71 9.66
CA GLU D 38 42.83 3.70 10.65
C GLU D 38 41.60 2.98 10.06
N ARG D 39 40.62 3.78 9.64
CA ARG D 39 39.34 3.30 9.05
C ARG D 39 39.61 2.50 7.77
N GLN D 40 40.55 2.92 6.92
CA GLN D 40 40.94 2.16 5.68
C GLN D 40 41.41 0.76 6.09
N ARG D 41 42.32 0.68 7.06
CA ARG D 41 42.84 -0.61 7.58
C ARG D 41 41.66 -1.50 7.99
N GLN D 42 40.71 -0.94 8.76
CA GLN D 42 39.55 -1.69 9.34
C GLN D 42 38.67 -2.22 8.20
N VAL D 43 38.37 -1.37 7.23
CA VAL D 43 37.47 -1.73 6.09
C VAL D 43 38.16 -2.81 5.25
N GLU D 44 39.46 -2.69 4.99
CA GLU D 44 40.17 -3.66 4.12
C GLU D 44 40.20 -5.02 4.82
N ALA D 45 40.31 -5.04 6.15
CA ALA D 45 40.32 -6.29 6.95
C ALA D 45 38.94 -6.94 6.88
N ALA D 46 37.88 -6.13 7.01
CA ALA D 46 36.47 -6.56 6.90
C ALA D 46 36.20 -7.15 5.51
N LEU D 47 36.59 -6.43 4.45
CA LEU D 47 36.38 -6.85 3.03
C LEU D 47 37.03 -8.22 2.79
N ASN D 48 38.28 -8.36 3.22
CA ASN D 48 39.07 -9.61 3.02
C ASN D 48 38.39 -10.78 3.75
N ALA D 49 37.84 -10.54 4.94
CA ALA D 49 37.19 -11.58 5.76
C ALA D 49 35.78 -11.93 5.23
N ILE D 50 35.02 -10.93 4.74
CA ILE D 50 33.60 -11.12 4.34
C ILE D 50 33.55 -11.86 2.98
N LEU D 51 34.62 -11.82 2.19
CA LEU D 51 34.69 -12.49 0.88
C LEU D 51 35.98 -13.30 0.78
N PRO D 52 36.09 -14.42 1.52
CA PRO D 52 37.28 -15.26 1.48
C PRO D 52 37.40 -16.05 0.17
N PRO D 53 38.61 -16.51 -0.22
CA PRO D 53 38.77 -17.39 -1.37
C PRO D 53 37.93 -18.66 -1.19
N GLN D 54 37.17 -19.05 -2.22
CA GLN D 54 36.21 -20.19 -2.19
C GLN D 54 36.19 -20.85 -3.58
N ASP D 55 35.38 -21.90 -3.73
CA ASP D 55 35.19 -22.61 -5.02
C ASP D 55 33.90 -22.13 -5.66
N PRO D 56 33.83 -21.96 -7.00
CA PRO D 56 34.99 -22.13 -7.89
C PRO D 56 36.06 -21.04 -7.73
N PRO D 57 37.36 -21.42 -7.64
CA PRO D 57 38.41 -20.47 -7.27
C PRO D 57 38.50 -19.22 -8.17
N LEU D 58 38.32 -19.37 -9.48
CA LEU D 58 38.54 -18.27 -10.47
C LEU D 58 37.60 -17.10 -10.19
N ILE D 59 36.31 -17.35 -9.92
CA ILE D 59 35.32 -16.24 -9.77
C ILE D 59 35.64 -15.46 -8.49
N TYR D 60 35.97 -16.15 -7.40
CA TYR D 60 36.36 -15.49 -6.12
C TYR D 60 37.66 -14.70 -6.32
N GLU D 61 38.59 -15.23 -7.11
CA GLU D 61 39.90 -14.56 -7.36
C GLU D 61 39.66 -13.24 -8.11
N SER D 62 38.83 -13.28 -9.15
CA SER D 62 38.48 -12.10 -9.98
C SER D 62 37.79 -11.05 -9.08
N MET D 63 36.83 -11.48 -8.28
CA MET D 63 36.06 -10.57 -7.38
C MET D 63 37.04 -9.87 -6.43
N ARG D 64 37.92 -10.64 -5.79
CA ARG D 64 38.85 -10.15 -4.74
C ARG D 64 39.91 -9.25 -5.42
N TYR D 65 40.33 -9.61 -6.64
CA TYR D 65 41.31 -8.81 -7.43
C TYR D 65 40.86 -7.35 -7.50
N SER D 66 39.58 -7.10 -7.79
CA SER D 66 39.04 -5.72 -7.95
C SER D 66 38.66 -5.17 -6.58
N LEU D 67 38.05 -5.98 -5.72
CA LEU D 67 37.54 -5.50 -4.41
C LEU D 67 38.69 -5.06 -3.49
N LEU D 68 39.80 -5.81 -3.47
CA LEU D 68 40.91 -5.61 -2.48
C LEU D 68 42.04 -4.79 -3.07
N ALA D 69 41.85 -4.24 -4.28
CA ALA D 69 42.76 -3.26 -4.91
C ALA D 69 42.84 -2.00 -4.05
N GLU D 70 43.93 -1.25 -4.19
CA GLU D 70 44.18 0.07 -3.57
C GLU D 70 42.95 0.98 -3.77
N GLY D 71 42.44 1.55 -2.68
CA GLY D 71 41.30 2.50 -2.71
C GLY D 71 41.22 3.30 -1.44
N LYS D 72 40.63 4.51 -1.51
CA LYS D 72 40.40 5.41 -0.35
C LYS D 72 39.29 4.83 0.54
N ARG D 73 38.39 3.98 0.00
CA ARG D 73 37.26 3.36 0.75
C ARG D 73 36.36 4.44 1.32
N LEU D 74 36.16 5.55 0.59
CA LEU D 74 35.37 6.72 1.06
C LEU D 74 33.94 6.28 1.40
N ARG D 75 33.33 5.41 0.60
CA ARG D 75 31.89 5.07 0.74
C ARG D 75 31.65 4.27 2.02
N PRO D 76 32.39 3.17 2.27
CA PRO D 76 32.29 2.47 3.55
C PRO D 76 32.60 3.39 4.75
N ILE D 77 33.64 4.21 4.63
CA ILE D 77 34.05 5.17 5.71
C ILE D 77 32.89 6.15 5.99
N LEU D 78 32.22 6.66 4.95
CA LEU D 78 31.08 7.60 5.12
C LEU D 78 29.92 6.87 5.82
N CYS D 79 29.69 5.59 5.49
CA CYS D 79 28.64 4.74 6.11
C CYS D 79 28.94 4.58 7.61
N LEU D 80 30.16 4.19 7.98
CA LEU D 80 30.54 3.97 9.41
C LEU D 80 30.42 5.31 10.17
N ALA D 81 30.87 6.40 9.57
CA ALA D 81 30.89 7.76 10.19
C ALA D 81 29.45 8.26 10.39
N SER D 82 28.55 8.03 9.42
CA SER D 82 27.12 8.46 9.50
C SER D 82 26.41 7.67 10.60
N CYS D 83 26.66 6.36 10.68
CA CYS D 83 26.11 5.47 11.72
C CYS D 83 26.50 6.03 13.10
N GLU D 84 27.80 6.26 13.31
CA GLU D 84 28.37 6.76 14.60
C GLU D 84 27.75 8.12 14.94
N LEU D 85 27.71 9.04 13.97
CA LEU D 85 27.17 10.41 14.15
C LEU D 85 25.71 10.31 14.63
N ALA D 86 24.95 9.33 14.13
CA ALA D 86 23.52 9.13 14.45
C ALA D 86 23.35 8.24 15.70
N GLY D 87 24.45 7.89 16.36
CA GLY D 87 24.40 7.19 17.66
C GLY D 87 24.55 5.69 17.57
N GLY D 88 24.77 5.14 16.37
CA GLY D 88 24.98 3.69 16.17
C GLY D 88 26.42 3.30 16.44
N THR D 89 26.75 2.01 16.39
CA THR D 89 28.13 1.48 16.44
C THR D 89 28.61 1.13 15.02
N ALA D 90 29.92 1.16 14.79
CA ALA D 90 30.58 0.70 13.55
C ALA D 90 30.11 -0.72 13.24
N ALA D 91 30.03 -1.59 14.25
CA ALA D 91 29.76 -3.04 14.14
C ALA D 91 28.44 -3.31 13.39
N ILE D 92 27.40 -2.53 13.65
CA ILE D 92 26.04 -2.80 13.06
C ILE D 92 26.04 -2.41 11.58
N ALA D 93 26.96 -1.53 11.17
CA ALA D 93 27.02 -0.90 9.82
C ALA D 93 28.10 -1.53 8.93
N LEU D 94 28.95 -2.40 9.46
CA LEU D 94 30.16 -2.87 8.74
C LEU D 94 29.78 -3.74 7.53
N PRO D 95 28.81 -4.68 7.65
CA PRO D 95 28.34 -5.41 6.47
C PRO D 95 27.84 -4.47 5.37
N THR D 96 27.00 -3.48 5.69
CA THR D 96 26.53 -2.45 4.72
C THR D 96 27.74 -1.67 4.15
N ALA D 97 28.67 -1.24 5.00
CA ALA D 97 29.92 -0.56 4.59
C ALA D 97 30.60 -1.39 3.50
N CYS D 98 30.81 -2.68 3.74
CA CYS D 98 31.45 -3.63 2.79
C CYS D 98 30.62 -3.72 1.51
N ALA D 99 29.29 -3.76 1.66
CA ALA D 99 28.34 -3.88 0.54
C ALA D 99 28.51 -2.67 -0.39
N LEU D 100 28.66 -1.47 0.19
CA LEU D 100 28.76 -0.23 -0.61
C LEU D 100 30.01 -0.30 -1.47
N GLU D 101 31.10 -0.85 -0.94
CA GLU D 101 32.38 -0.99 -1.69
C GLU D 101 32.21 -2.05 -2.78
N MET D 102 31.45 -3.11 -2.53
CA MET D 102 31.20 -4.20 -3.52
C MET D 102 30.45 -3.64 -4.73
N VAL D 103 29.46 -2.79 -4.50
CA VAL D 103 28.63 -2.15 -5.56
C VAL D 103 29.52 -1.18 -6.33
N HIS D 104 30.28 -0.35 -5.61
CA HIS D 104 31.27 0.58 -6.21
C HIS D 104 32.21 -0.23 -7.13
N THR D 105 32.75 -1.32 -6.60
CA THR D 105 33.71 -2.21 -7.32
C THR D 105 33.06 -2.78 -8.57
N MET D 106 31.83 -3.29 -8.49
CA MET D 106 31.15 -3.86 -9.68
C MET D 106 30.96 -2.76 -10.74
N SER D 107 30.63 -1.51 -10.35
CA SER D 107 30.45 -0.42 -11.35
C SER D 107 31.77 -0.15 -12.08
N LEU D 108 32.90 -0.17 -11.38
CA LEU D 108 34.23 0.04 -12.03
C LEU D 108 34.52 -1.12 -12.99
N ILE D 109 34.31 -2.37 -12.55
CA ILE D 109 34.57 -3.57 -13.41
C ILE D 109 33.78 -3.43 -14.72
N HIS D 110 32.47 -3.16 -14.64
CA HIS D 110 31.58 -3.07 -15.82
C HIS D 110 31.98 -1.87 -16.67
N ASP D 111 32.35 -0.75 -16.06
CA ASP D 111 32.71 0.50 -16.81
C ASP D 111 33.97 0.30 -17.61
N ASP D 112 34.93 -0.45 -17.07
CA ASP D 112 36.25 -0.62 -17.73
C ASP D 112 36.09 -1.50 -18.98
N LEU D 113 34.96 -2.20 -19.16
CA LEU D 113 34.80 -3.18 -20.27
C LEU D 113 34.96 -2.47 -21.62
N PRO D 114 35.50 -3.17 -22.65
CA PRO D 114 35.59 -2.61 -24.01
C PRO D 114 34.28 -2.04 -24.58
N SER D 115 33.14 -2.61 -24.19
CA SER D 115 31.78 -2.16 -24.60
C SER D 115 31.47 -0.80 -23.98
N MET D 116 32.14 -0.42 -22.90
CA MET D 116 31.84 0.82 -22.12
C MET D 116 32.99 1.82 -22.27
N ASP D 117 33.86 1.99 -21.27
CA ASP D 117 34.94 3.02 -21.34
C ASP D 117 36.25 2.43 -21.87
N ASN D 118 36.34 1.10 -22.01
CA ASN D 118 37.45 0.39 -22.69
C ASN D 118 38.79 0.80 -22.08
N ASP D 119 38.98 0.56 -20.78
CA ASP D 119 40.22 0.93 -20.05
C ASP D 119 41.00 -0.37 -19.78
N ASP D 120 42.26 -0.47 -20.22
CA ASP D 120 43.13 -1.64 -19.94
C ASP D 120 43.81 -1.47 -18.57
N PHE D 121 43.84 -0.25 -18.03
CA PHE D 121 44.55 0.08 -16.77
C PHE D 121 43.68 1.04 -15.96
N ARG D 122 43.76 0.90 -14.63
CA ARG D 122 43.08 1.77 -13.64
C ARG D 122 44.09 2.02 -12.53
N ARG D 123 44.46 3.31 -12.32
CA ARG D 123 45.47 3.73 -11.31
C ARG D 123 46.71 2.84 -11.43
N GLY D 124 47.16 2.58 -12.68
CA GLY D 124 48.41 1.86 -12.97
C GLY D 124 48.29 0.35 -13.02
N ARG D 125 47.20 -0.23 -12.51
CA ARG D 125 46.96 -1.70 -12.38
C ARG D 125 46.04 -2.17 -13.52
N PRO D 126 46.25 -3.38 -14.08
CA PRO D 126 45.34 -3.87 -15.13
C PRO D 126 43.91 -3.98 -14.62
N THR D 127 42.95 -3.77 -15.52
CA THR D 127 41.51 -3.86 -15.21
C THR D 127 41.14 -5.34 -15.19
N ASN D 128 40.03 -5.68 -14.54
CA ASN D 128 39.58 -7.08 -14.31
C ASN D 128 39.58 -7.83 -15.65
N HIS D 129 39.04 -7.22 -16.71
CA HIS D 129 38.82 -7.94 -17.99
C HIS D 129 40.16 -8.21 -18.69
N LYS D 130 41.16 -7.36 -18.49
CA LYS D 130 42.51 -7.51 -19.10
C LYS D 130 43.20 -8.73 -18.48
N VAL D 131 42.88 -9.06 -17.23
CA VAL D 131 43.50 -10.19 -16.49
C VAL D 131 42.68 -11.47 -16.67
N TYR D 132 41.34 -11.41 -16.57
CA TYR D 132 40.48 -12.62 -16.47
C TYR D 132 39.62 -12.85 -17.72
N GLY D 133 39.61 -11.90 -18.66
CA GLY D 133 38.68 -11.91 -19.81
C GLY D 133 37.40 -11.14 -19.49
N GLU D 134 36.70 -10.69 -20.53
CA GLU D 134 35.48 -9.85 -20.40
C GLU D 134 34.36 -10.68 -19.77
N ASP D 135 34.27 -11.96 -20.12
CA ASP D 135 33.20 -12.87 -19.62
C ASP D 135 33.31 -13.00 -18.10
N ILE D 136 34.50 -13.33 -17.58
CA ILE D 136 34.73 -13.47 -16.11
C ILE D 136 34.49 -12.11 -15.44
N ALA D 137 34.94 -11.02 -16.05
CA ALA D 137 34.81 -9.65 -15.49
C ALA D 137 33.32 -9.32 -15.30
N ILE D 138 32.51 -9.51 -16.35
CA ILE D 138 31.04 -9.28 -16.31
C ILE D 138 30.45 -10.09 -15.15
N LEU D 139 30.79 -11.37 -15.05
CA LEU D 139 30.25 -12.29 -14.02
C LEU D 139 30.73 -11.90 -12.62
N ALA D 140 31.98 -11.44 -12.48
CA ALA D 140 32.57 -11.00 -11.19
C ALA D 140 31.78 -9.78 -10.71
N GLY D 141 31.49 -8.85 -11.61
CA GLY D 141 30.63 -7.68 -11.33
C GLY D 141 29.24 -8.12 -10.86
N ASP D 142 28.60 -9.02 -11.60
CA ASP D 142 27.25 -9.55 -11.26
C ASP D 142 27.28 -10.19 -9.86
N ALA D 143 28.31 -10.98 -9.56
CA ALA D 143 28.39 -11.72 -8.27
C ALA D 143 28.65 -10.75 -7.11
N LEU D 144 29.38 -9.65 -7.35
CA LEU D 144 29.67 -8.63 -6.29
C LEU D 144 28.41 -7.83 -6.00
N LEU D 145 27.65 -7.47 -7.03
CA LEU D 145 26.37 -6.73 -6.86
C LEU D 145 25.41 -7.58 -6.03
N THR D 146 25.29 -8.88 -6.32
CA THR D 146 24.40 -9.79 -5.55
C THR D 146 24.93 -9.95 -4.14
N TYR D 147 26.25 -10.12 -3.95
CA TYR D 147 26.82 -10.38 -2.62
C TYR D 147 26.58 -9.17 -1.71
N ALA D 148 26.57 -7.95 -2.26
CA ALA D 148 26.29 -6.70 -1.52
C ALA D 148 24.98 -6.90 -0.77
N PHE D 149 23.91 -7.29 -1.47
CA PHE D 149 22.55 -7.50 -0.90
C PHE D 149 22.57 -8.67 0.09
N GLU D 150 23.32 -9.74 -0.20
CA GLU D 150 23.40 -10.92 0.69
C GLU D 150 24.03 -10.49 2.00
N ALA D 151 25.14 -9.76 1.95
CA ALA D 151 25.92 -9.35 3.15
C ALA D 151 25.03 -8.50 4.06
N ILE D 152 24.29 -7.54 3.49
CA ILE D 152 23.39 -6.65 4.29
C ILE D 152 22.32 -7.54 4.96
N ALA D 153 21.62 -8.37 4.19
CA ALA D 153 20.45 -9.15 4.65
C ALA D 153 20.88 -10.22 5.68
N ARG D 154 22.03 -10.84 5.48
CA ARG D 154 22.40 -12.05 6.24
C ARG D 154 23.23 -11.70 7.47
N HIS D 155 24.06 -10.65 7.44
CA HIS D 155 25.11 -10.43 8.47
C HIS D 155 24.87 -9.17 9.31
N THR D 156 23.94 -8.28 8.95
CA THR D 156 23.69 -7.03 9.72
C THR D 156 23.19 -7.43 11.10
N PRO D 157 23.95 -7.14 12.19
CA PRO D 157 23.57 -7.56 13.53
C PRO D 157 22.70 -6.54 14.29
N GLU D 158 21.81 -7.04 15.16
CA GLU D 158 21.03 -6.31 16.21
C GLU D 158 19.91 -5.47 15.62
N VAL D 159 20.20 -4.71 14.56
CA VAL D 159 19.24 -3.74 13.94
C VAL D 159 17.96 -4.50 13.63
N PRO D 160 16.77 -3.99 13.99
CA PRO D 160 15.52 -4.64 13.60
C PRO D 160 15.39 -4.79 12.07
N ALA D 161 14.79 -5.91 11.66
CA ALA D 161 14.64 -6.35 10.25
C ALA D 161 14.07 -5.23 9.36
N ASP D 162 13.07 -4.48 9.86
CA ASP D 162 12.36 -3.47 9.03
C ASP D 162 13.36 -2.42 8.55
N ARG D 163 14.33 -2.04 9.40
CA ARG D 163 15.35 -0.99 9.07
C ARG D 163 16.38 -1.57 8.09
N VAL D 164 16.75 -2.84 8.25
CA VAL D 164 17.69 -3.55 7.33
C VAL D 164 17.05 -3.61 5.94
N LEU D 165 15.74 -3.89 5.88
CA LEU D 165 14.96 -3.90 4.61
C LEU D 165 14.99 -2.52 3.94
N LYS D 166 14.83 -1.44 4.71
CA LYS D 166 14.86 -0.04 4.20
C LYS D 166 16.22 0.22 3.54
N VAL D 167 17.30 -0.30 4.13
CA VAL D 167 18.67 -0.18 3.55
C VAL D 167 18.71 -0.93 2.21
N ILE D 168 18.25 -2.19 2.17
CA ILE D 168 18.18 -3.00 0.91
C ILE D 168 17.47 -2.17 -0.17
N ALA D 169 16.29 -1.63 0.13
CA ALA D 169 15.46 -0.87 -0.83
C ALA D 169 16.24 0.37 -1.30
N ALA D 170 16.84 1.09 -0.35
CA ALA D 170 17.56 2.38 -0.62
C ALA D 170 18.75 2.09 -1.53
N LEU D 171 19.50 1.03 -1.24
CA LEU D 171 20.70 0.65 -2.04
C LEU D 171 20.26 0.25 -3.45
N ALA D 172 19.20 -0.55 -3.57
CA ALA D 172 18.70 -1.02 -4.87
C ALA D 172 18.29 0.20 -5.69
N ARG D 173 17.54 1.16 -5.10
CA ARG D 173 17.08 2.37 -5.82
C ARG D 173 18.30 3.17 -6.31
N ALA D 174 19.34 3.28 -5.45
CA ALA D 174 20.56 4.10 -5.67
C ALA D 174 21.41 3.57 -6.81
N VAL D 175 21.48 2.23 -6.95
CA VAL D 175 22.39 1.53 -7.91
C VAL D 175 21.73 1.38 -9.28
N GLY D 176 20.39 1.25 -9.33
CA GLY D 176 19.64 0.91 -10.55
C GLY D 176 19.34 2.11 -11.43
N ALA D 177 18.28 1.99 -12.24
CA ALA D 177 17.93 2.95 -13.31
C ALA D 177 17.53 4.31 -12.73
N GLU D 178 17.08 4.42 -11.48
CA GLU D 178 16.80 5.73 -10.81
C GLU D 178 18.08 6.38 -10.27
N GLY D 179 19.24 5.71 -10.34
CA GLY D 179 20.48 6.18 -9.70
C GLY D 179 21.69 5.95 -10.58
N LEU D 180 22.66 5.17 -10.10
CA LEU D 180 23.95 4.95 -10.79
C LEU D 180 23.69 4.62 -12.27
N VAL D 181 22.89 3.60 -12.58
CA VAL D 181 22.69 3.15 -13.99
C VAL D 181 22.07 4.28 -14.82
N GLY D 182 21.07 5.00 -14.29
CA GLY D 182 20.44 6.15 -14.96
C GLY D 182 21.48 7.19 -15.37
N GLY D 183 22.36 7.56 -14.43
CA GLY D 183 23.50 8.45 -14.65
C GLY D 183 24.42 7.96 -15.75
N GLN D 184 24.79 6.69 -15.71
CA GLN D 184 25.70 6.11 -16.75
C GLN D 184 25.01 6.20 -18.11
N VAL D 185 23.69 6.01 -18.17
CA VAL D 185 22.94 5.93 -19.46
C VAL D 185 22.87 7.35 -20.08
N VAL D 186 22.52 8.38 -19.30
CA VAL D 186 22.48 9.78 -19.81
C VAL D 186 23.90 10.20 -20.21
N ASP D 187 24.94 9.81 -19.45
CA ASP D 187 26.36 10.08 -19.81
C ASP D 187 26.69 9.47 -21.18
N LEU D 188 26.35 8.19 -21.43
CA LEU D 188 26.59 7.50 -22.72
C LEU D 188 25.90 8.26 -23.86
N GLN D 189 24.66 8.68 -23.64
CA GLN D 189 23.83 9.41 -24.63
C GLN D 189 24.43 10.79 -24.91
N SER D 190 25.20 11.35 -23.99
CA SER D 190 25.81 12.70 -24.09
C SER D 190 27.14 12.66 -24.86
N GLU D 191 27.80 11.50 -24.94
CA GLU D 191 29.13 11.36 -25.61
C GLU D 191 28.97 11.84 -27.06
N GLY D 192 29.83 12.77 -27.46
CA GLY D 192 29.95 13.25 -28.86
C GLY D 192 29.05 14.43 -29.15
N ARG D 193 28.06 14.72 -28.30
CA ARG D 193 27.08 15.81 -28.55
C ARG D 193 27.73 17.16 -28.23
N ASP D 194 27.24 18.24 -28.85
CA ASP D 194 27.79 19.61 -28.64
C ASP D 194 26.83 20.42 -27.76
N ASP D 195 25.67 19.85 -27.38
CA ASP D 195 24.53 20.61 -26.77
C ASP D 195 24.39 20.32 -25.27
N VAL D 196 25.36 19.63 -24.65
CA VAL D 196 25.27 19.21 -23.22
C VAL D 196 25.29 20.47 -22.36
N ASN D 197 24.23 20.68 -21.57
CA ASN D 197 24.03 21.89 -20.73
C ASN D 197 24.21 21.52 -19.25
N LEU D 198 24.06 22.48 -18.34
CA LEU D 198 24.39 22.34 -16.90
C LEU D 198 23.37 21.44 -16.18
N GLU D 199 22.11 21.45 -16.64
CA GLU D 199 21.03 20.54 -16.13
C GLU D 199 21.44 19.08 -16.39
N THR D 200 21.90 18.78 -17.61
CA THR D 200 22.36 17.42 -18.03
C THR D 200 23.56 17.02 -17.17
N LEU D 201 24.51 17.93 -16.99
CA LEU D 201 25.75 17.68 -16.22
C LEU D 201 25.36 17.39 -14.75
N HIS D 202 24.46 18.18 -14.19
CA HIS D 202 23.95 18.03 -12.80
C HIS D 202 23.30 16.64 -12.64
N TYR D 203 22.44 16.23 -13.58
CA TYR D 203 21.75 14.91 -13.54
C TYR D 203 22.82 13.82 -13.52
N ILE D 204 23.74 13.85 -14.48
CA ILE D 204 24.80 12.81 -14.63
C ILE D 204 25.55 12.67 -13.30
N HIS D 205 26.00 13.75 -12.70
CA HIS D 205 26.89 13.69 -11.50
C HIS D 205 26.10 13.31 -10.25
N THR D 206 24.87 13.81 -10.08
CA THR D 206 24.01 13.46 -8.90
C THR D 206 23.60 11.98 -8.99
N HIS D 207 23.51 11.39 -10.19
CA HIS D 207 23.05 10.00 -10.42
C HIS D 207 24.24 9.04 -10.57
N LYS D 208 25.20 9.34 -11.45
CA LYS D 208 26.35 8.45 -11.73
C LYS D 208 27.19 8.26 -10.46
N THR D 209 27.47 9.33 -9.70
CA THR D 209 28.32 9.29 -8.47
C THR D 209 27.53 9.68 -7.21
N GLY D 210 26.61 10.65 -7.30
CA GLY D 210 25.91 11.17 -6.11
C GLY D 210 25.06 10.13 -5.41
N ALA D 211 24.30 9.32 -6.14
CA ALA D 211 23.27 8.42 -5.58
C ALA D 211 23.90 7.43 -4.60
N LEU D 212 25.06 6.88 -4.95
CA LEU D 212 25.79 5.91 -4.11
C LEU D 212 26.40 6.60 -2.88
N LEU D 213 26.84 7.87 -3.01
CA LEU D 213 27.35 8.67 -1.87
C LEU D 213 26.16 8.94 -0.93
N GLU D 214 25.02 9.35 -1.48
CA GLU D 214 23.80 9.66 -0.67
C GLU D 214 23.46 8.41 0.15
N VAL D 215 23.38 7.24 -0.49
CA VAL D 215 22.94 6.01 0.22
C VAL D 215 24.05 5.54 1.19
N SER D 216 25.33 5.83 0.94
CA SER D 216 26.42 5.53 1.90
C SER D 216 26.13 6.17 3.26
N VAL D 217 25.81 7.47 3.28
CA VAL D 217 25.55 8.22 4.54
C VAL D 217 24.15 7.85 5.07
N VAL D 218 23.14 7.79 4.21
CA VAL D 218 21.73 7.54 4.63
C VAL D 218 21.66 6.15 5.27
N SER D 219 22.29 5.13 4.69
CA SER D 219 22.21 3.72 5.16
C SER D 219 22.77 3.63 6.59
N GLY D 220 23.92 4.24 6.86
CA GLY D 220 24.51 4.34 8.20
C GLY D 220 23.52 4.92 9.19
N ALA D 221 22.86 6.03 8.84
CA ALA D 221 21.86 6.72 9.68
C ALA D 221 20.64 5.81 9.93
N ILE D 222 20.12 5.14 8.89
CA ILE D 222 18.93 4.26 8.99
C ILE D 222 19.25 3.13 9.98
N LEU D 223 20.41 2.49 9.85
CA LEU D 223 20.81 1.36 10.73
C LEU D 223 20.82 1.84 12.19
N ALA D 224 21.23 3.08 12.44
CA ALA D 224 21.29 3.71 13.78
C ALA D 224 19.89 4.11 14.26
N GLY D 225 18.91 4.20 13.36
CA GLY D 225 17.54 4.64 13.70
C GLY D 225 17.42 6.15 13.79
N ALA D 226 18.19 6.87 12.97
CA ALA D 226 18.17 8.35 12.87
C ALA D 226 16.79 8.83 12.42
N SER D 227 16.46 10.07 12.76
CA SER D 227 15.25 10.79 12.28
C SER D 227 15.38 11.07 10.78
N GLU D 228 14.25 11.23 10.10
CA GLU D 228 14.16 11.66 8.67
C GLU D 228 14.93 12.97 8.49
N GLU D 229 14.89 13.87 9.48
CA GLU D 229 15.58 15.18 9.47
C GLU D 229 17.10 14.95 9.34
N LEU D 230 17.67 14.12 10.22
CA LEU D 230 19.12 13.79 10.21
C LEU D 230 19.47 13.14 8.86
N GLN D 231 18.63 12.22 8.39
CA GLN D 231 18.82 11.50 7.09
C GLN D 231 18.93 12.52 5.96
N GLU D 232 18.04 13.52 5.92
CA GLU D 232 17.99 14.54 4.83
C GLU D 232 19.21 15.47 4.96
N GLN D 233 19.67 15.78 6.18
CA GLN D 233 20.88 16.61 6.40
C GLN D 233 22.08 15.90 5.80
N LEU D 234 22.25 14.60 6.10
CA LEU D 234 23.41 13.78 5.63
C LEU D 234 23.35 13.61 4.10
N ARG D 235 22.18 13.40 3.58
CA ARG D 235 22.00 13.33 2.13
C ARG D 235 22.38 14.65 1.47
N THR D 236 21.98 15.78 2.02
CA THR D 236 22.40 17.11 1.48
C THR D 236 23.93 17.13 1.46
N TYR D 237 24.55 16.82 2.58
CA TYR D 237 26.03 16.81 2.73
C TYR D 237 26.69 15.97 1.63
N ALA D 238 26.20 14.75 1.42
CA ALA D 238 26.82 13.75 0.51
C ALA D 238 26.66 14.22 -0.95
N GLN D 239 25.47 14.69 -1.34
CA GLN D 239 25.25 15.23 -2.70
C GLN D 239 26.23 16.38 -2.94
N LYS D 240 26.38 17.30 -1.99
CA LYS D 240 27.18 18.55 -2.16
C LYS D 240 28.66 18.20 -2.28
N ILE D 241 29.18 17.31 -1.43
CA ILE D 241 30.64 16.95 -1.48
C ILE D 241 30.91 16.17 -2.78
N GLY D 242 29.93 15.41 -3.27
CA GLY D 242 30.05 14.65 -4.53
C GLY D 242 30.14 15.60 -5.72
N LEU D 243 29.23 16.57 -5.79
CA LEU D 243 29.25 17.63 -6.83
C LEU D 243 30.57 18.41 -6.71
N ALA D 244 30.96 18.82 -5.49
CA ALA D 244 32.19 19.59 -5.24
C ALA D 244 33.39 18.84 -5.82
N PHE D 245 33.52 17.55 -5.51
CA PHE D 245 34.62 16.69 -6.01
C PHE D 245 34.65 16.72 -7.55
N GLN D 246 33.50 16.66 -8.22
CA GLN D 246 33.43 16.61 -9.71
C GLN D 246 33.84 17.96 -10.29
N VAL D 247 33.35 19.07 -9.72
CA VAL D 247 33.67 20.44 -10.21
C VAL D 247 35.18 20.63 -10.12
N ILE D 248 35.78 20.28 -8.99
CA ILE D 248 37.24 20.53 -8.73
C ILE D 248 38.07 19.61 -9.63
N ASP D 249 37.62 18.39 -9.91
CA ASP D 249 38.36 17.47 -10.82
C ASP D 249 38.40 18.07 -12.23
N ASP D 250 37.28 18.61 -12.70
CA ASP D 250 37.16 19.26 -14.04
C ASP D 250 38.15 20.44 -14.10
N ILE D 251 38.22 21.21 -13.02
CA ILE D 251 39.15 22.38 -12.87
C ILE D 251 40.59 21.88 -13.00
N LEU D 252 40.93 20.80 -12.27
CA LEU D 252 42.32 20.25 -12.24
C LEU D 252 42.71 19.67 -13.61
N ASP D 253 41.75 19.18 -14.41
CA ASP D 253 42.02 18.62 -15.77
C ASP D 253 42.52 19.75 -16.68
N ILE D 254 41.83 20.90 -16.67
CA ILE D 254 42.17 22.05 -17.54
C ILE D 254 43.51 22.61 -17.06
N THR D 255 43.61 22.95 -15.77
CA THR D 255 44.83 23.57 -15.16
C THR D 255 45.69 22.46 -14.53
N ALA D 274 31.59 18.68 -22.57
CA ALA D 274 31.11 19.79 -21.73
C ALA D 274 31.52 19.55 -20.27
N THR D 275 32.18 20.51 -19.65
CA THR D 275 32.63 20.45 -18.24
C THR D 275 32.07 21.66 -17.48
N TYR D 276 32.24 21.70 -16.16
CA TYR D 276 31.83 22.85 -15.33
C TYR D 276 32.58 24.11 -15.80
N PRO D 277 33.93 24.10 -15.95
CA PRO D 277 34.63 25.24 -16.53
C PRO D 277 34.18 25.63 -17.95
N SER D 278 33.91 24.66 -18.82
CA SER D 278 33.48 24.95 -20.22
C SER D 278 32.13 25.69 -20.22
N LEU D 279 31.29 25.49 -19.21
CA LEU D 279 29.90 26.03 -19.19
C LEU D 279 29.78 27.23 -18.25
N LEU D 280 30.42 27.17 -17.09
CA LEU D 280 30.39 28.25 -16.05
C LEU D 280 31.54 29.23 -16.24
N GLY D 281 32.72 28.75 -16.70
CA GLY D 281 34.01 29.47 -16.67
C GLY D 281 34.80 29.11 -15.42
N LEU D 282 36.14 29.14 -15.47
CA LEU D 282 37.03 28.62 -14.39
C LEU D 282 36.70 29.28 -13.04
N ASP D 283 36.64 30.62 -12.97
CA ASP D 283 36.49 31.37 -11.70
C ASP D 283 35.10 31.07 -11.10
N ALA D 284 34.07 31.01 -11.94
CA ALA D 284 32.68 30.69 -11.53
C ALA D 284 32.60 29.23 -11.03
N SER D 285 33.29 28.30 -11.70
CA SER D 285 33.41 26.87 -11.28
C SER D 285 34.00 26.81 -9.88
N ARG D 286 35.07 27.57 -9.62
CA ARG D 286 35.78 27.61 -8.31
C ARG D 286 34.82 28.12 -7.23
N GLU D 287 34.02 29.15 -7.54
CA GLU D 287 33.04 29.72 -6.57
C GLU D 287 31.96 28.67 -6.30
N TYR D 288 31.51 27.93 -7.33
CA TYR D 288 30.48 26.87 -7.22
C TYR D 288 30.98 25.78 -6.27
N ALA D 289 32.19 25.26 -6.49
CA ALA D 289 32.85 24.28 -5.60
C ALA D 289 32.83 24.80 -4.15
N ASP D 290 33.19 26.07 -3.92
CA ASP D 290 33.26 26.65 -2.55
C ASP D 290 31.84 26.72 -1.97
N GLN D 291 30.86 27.12 -2.77
CA GLN D 291 29.45 27.19 -2.32
C GLN D 291 28.96 25.79 -1.93
N LEU D 292 29.31 24.77 -2.71
CA LEU D 292 28.89 23.37 -2.46
C LEU D 292 29.45 22.90 -1.11
N ILE D 293 30.74 23.10 -0.84
CA ILE D 293 31.37 22.66 0.45
C ILE D 293 30.74 23.45 1.61
N THR D 294 30.45 24.73 1.41
CA THR D 294 29.78 25.59 2.42
C THR D 294 28.42 24.94 2.76
N GLU D 295 27.60 24.65 1.76
CA GLU D 295 26.25 24.05 1.96
C GLU D 295 26.40 22.64 2.58
N ALA D 296 27.48 21.92 2.27
CA ALA D 296 27.78 20.56 2.80
C ALA D 296 28.12 20.66 4.28
N GLU D 306 29.55 16.51 18.24
CA GLU D 306 31.00 16.84 18.16
C GLU D 306 31.70 15.96 17.11
N ALA D 307 31.05 14.88 16.64
CA ALA D 307 31.61 13.99 15.59
C ALA D 307 31.60 14.71 14.23
N ASP D 308 32.76 15.29 13.87
CA ASP D 308 32.89 16.10 12.62
C ASP D 308 34.09 15.72 11.75
N PRO D 309 34.52 14.44 11.60
CA PRO D 309 35.45 14.09 10.53
C PRO D 309 34.85 14.41 9.15
N LEU D 310 33.52 14.41 9.04
CA LEU D 310 32.80 14.77 7.79
C LEU D 310 33.12 16.21 7.39
N ARG D 311 33.21 17.14 8.34
CA ARG D 311 33.59 18.55 8.05
C ARG D 311 35.00 18.58 7.41
N ALA D 312 35.94 17.83 7.97
CA ALA D 312 37.35 17.74 7.50
C ALA D 312 37.38 17.21 6.06
N ILE D 313 36.59 16.18 5.74
CA ILE D 313 36.54 15.57 4.38
C ILE D 313 36.10 16.64 3.38
N ALA D 314 35.08 17.44 3.72
CA ALA D 314 34.62 18.59 2.89
C ALA D 314 35.80 19.55 2.67
N ASP D 315 36.46 19.98 3.74
CA ASP D 315 37.57 20.99 3.73
C ASP D 315 38.73 20.47 2.87
N TYR D 316 38.97 19.14 2.86
CA TYR D 316 40.00 18.47 2.01
C TYR D 316 39.69 18.69 0.52
N ILE D 317 38.52 18.21 0.07
CA ILE D 317 38.01 18.35 -1.33
C ILE D 317 38.25 19.80 -1.79
N THR D 318 37.98 20.78 -0.91
CA THR D 318 38.29 22.21 -1.10
C THR D 318 39.73 22.47 -0.65
#